data_7AUE
#
_entry.id   7AUE
#
_cell.length_a   1.00
_cell.length_b   1.00
_cell.length_c   1.00
_cell.angle_alpha   90.00
_cell.angle_beta   90.00
_cell.angle_gamma   90.00
#
_symmetry.space_group_name_H-M   'P 1'
#
loop_
_entity.id
_entity.type
_entity.pdbx_description
1 polymer 'Melanocortin receptor 4'
2 polymer 'Guanine nucleotide-binding protein G(s) subunit alpha isoforms short'
3 polymer 'Guanine nucleotide-binding protein G(I)/G(S)/G(T) subunit beta-1'
4 polymer 'Guanine nucleotide-binding protein G(I)/G(S)/G(O) subunit gamma-2'
5 polymer scFv16
6 polymer AMINOSERINE
7 non-polymer 'CALCIUM ION'
8 water water
#
loop_
_entity_poly.entity_id
_entity_poly.type
_entity_poly.pdbx_seq_one_letter_code
_entity_poly.pdbx_strand_id
1 'polypeptide(L)'
;MVNSTHRGMHTSLHLWNRSSYRLHSNASESLGKGYSDGGCYEQLFVSPEVFVTLGVISLLENILVIVAIAKNKNLHSPMY
FFICSLAVADMLVSVSNGSETIVITLLNSTDTDAQSFTVNIDNVIDSVICSSLLASICSLLSIAVDRYFTIFYALQYHNI
MTVKRVGIIISCIWAACTVSGILFIIYSDSSAVIICLITMFFTMLALMASLYVHMFLMARLHIKRIAVLPGTGAIRQGAN
MKGAITLTILIGVFVVCWAPFFLHLIFYISCPQNPYCVCFMSHFNLYLILIMCNSIIDPLIYALRSQELRKTFKEIICCY
PLGGLCDLSSRYLEVLFQGPSGSGHHHHHH
;
R
2 'polypeptide(L)'
;MGCTLSAEDKAAVERSKMIDRNLREDGEKAAATHRLLLLGAGESGKSTIVKQMRILHVNGFNGDSEKATKVQDIKNNLKE
AIETIVAAMSNLVPPVELANPENQFRVDYILSVMNVPDFDFPPEFYEHAKALWEDEGVRACYERSNEYQLIDCAQYFLDK
IDVIKQADYVPSDQDLLRCRVLTSGIFETKFQVDKVNFHMFDVGGQRDERRKWIQCFNDVTAIIFVVASSSYNMVIREDN
QTNRLQEALNLFKSIWNNRWLRTISVILFLNKQDLLAEKVLAGKSKIEDYFPEFARYTTPEDATPEPGEDPRVTRAKYFI
RDEFLRISTASGDGRHYCYPHFTCAVDTENIRRVFNDCRDIIQRMHLRQYELL
;
A
3 'polypeptide(L)'
;HHHHHHLEVLFQGPGSSGSELDQLRQEAEQLKNQIRDARKACADATLSQITNNIDPVGRIQMRTRRTLRGHLAKIYAMHW
GTDSRLLVSASQDGKLIIWDSYTTNKVHAIPLRSSWVMTCAYAPSGNYVACGGLDNICSIYNLKTREGNVRVSRELAGHT
GYLSCCRFLDDNQIVTSSGDTTCALWDIETGQQTTTFTGHTGDVMSLSLAPDTRLFVSGACDASAKLWDVREGMCRQTFT
GHESDINAICFFPNGNAFATGSDDATCRLFDLRADQELMTYSHDNIICGITSVSFSKSGRLLLAGYDDFNCNVWDALKAD
RAGVLAGHDNRVSCLGVTDDGMAVATGSWDSFLKIWN
;
B
4 'polypeptide(L)' MASNNTASIAQARKLVEQLKMEANIDRIKVSKAAADLMAYCEAHAKEDPLLTPVPASENPFREKKFFCAIL G
5 'polypeptide(L)'
;DVQLVESGGGLVQPGGSRKLSCSASGFAFSSFGMHWVRQAPEKGLEWVAYISSGSGTIYYADTVKGRFTISRDDPKNTLF
LQMTSLRSEDTAMYYCVRSIYYYGSSPFDFWGQGTTLTVSSGGGGSGGGGSGGGGSDIVMTQATSSVPVTPGESVSISCR
SSKSLLHSNGNTYLYWFLQRPGQSPQLLIYRMSNLASGVPDRFSGSGSGTAFTLTISRLEAEDVGVYYCMQHLEYPLTFG
AGTKLELKGSLEVLFQ
;
S
6 'polypeptide(L)' (ACE)RC(DAL)H(DPN)RW(CY3) C
#
loop_
_chem_comp.id
_chem_comp.type
_chem_comp.name
_chem_comp.formula
ACE non-polymer 'ACETYL GROUP' 'C2 H4 O'
CA non-polymer 'CALCIUM ION' 'Ca 2'
#
# COMPACT_ATOMS: atom_id res chain seq x y z
N CYS A 40 -24.62 -61.68 12.10
CA CYS A 40 -24.93 -60.26 12.18
C CYS A 40 -26.41 -60.03 12.46
N TYR A 41 -27.07 -59.24 11.61
CA TYR A 41 -28.46 -58.79 11.77
C TYR A 41 -28.69 -58.08 13.10
N GLU A 42 -27.70 -57.31 13.54
CA GLU A 42 -27.72 -56.55 14.78
C GLU A 42 -26.61 -55.52 14.69
N GLN A 43 -26.86 -54.34 15.28
CA GLN A 43 -25.95 -53.21 15.13
C GLN A 43 -24.69 -53.40 15.94
N LEU A 44 -23.54 -53.11 15.31
CA LEU A 44 -22.27 -53.13 16.00
C LEU A 44 -22.19 -51.95 16.98
N PHE A 45 -21.39 -52.13 18.02
CA PHE A 45 -21.26 -51.15 19.09
C PHE A 45 -19.83 -50.63 19.14
N VAL A 46 -19.66 -49.32 19.02
CA VAL A 46 -18.38 -48.65 19.13
C VAL A 46 -18.47 -47.68 20.30
N SER A 47 -17.36 -47.55 21.04
CA SER A 47 -17.35 -46.92 22.35
C SER A 47 -17.66 -45.43 22.27
N PRO A 48 -18.24 -44.84 23.32
CA PRO A 48 -18.51 -43.39 23.30
C PRO A 48 -17.26 -42.53 23.36
N GLU A 49 -16.16 -43.02 23.95
CA GLU A 49 -14.98 -42.19 24.12
C GLU A 49 -14.19 -41.99 22.83
N VAL A 50 -14.39 -42.86 21.83
CA VAL A 50 -13.75 -42.63 20.54
C VAL A 50 -14.52 -41.60 19.72
N PHE A 51 -15.78 -41.31 20.08
CA PHE A 51 -16.49 -40.18 19.50
C PHE A 51 -16.06 -38.85 20.11
N VAL A 52 -15.42 -38.89 21.27
CA VAL A 52 -15.01 -37.68 21.97
C VAL A 52 -13.53 -37.38 21.75
N THR A 53 -12.67 -38.41 21.77
CA THR A 53 -11.26 -38.21 21.49
C THR A 53 -10.97 -37.96 20.02
N LEU A 54 -11.96 -38.16 19.14
CA LEU A 54 -11.81 -37.78 17.73
C LEU A 54 -12.40 -36.40 17.45
N GLY A 55 -13.44 -36.02 18.19
CA GLY A 55 -14.07 -34.73 18.02
C GLY A 55 -13.34 -33.57 18.64
N VAL A 56 -12.21 -33.80 19.30
CA VAL A 56 -11.41 -32.72 19.86
C VAL A 56 -10.06 -32.58 19.19
N ILE A 57 -9.54 -33.64 18.53
CA ILE A 57 -8.40 -33.44 17.63
C ILE A 57 -8.84 -32.65 16.41
N SER A 58 -10.07 -32.89 15.94
CA SER A 58 -10.63 -32.11 14.85
C SER A 58 -11.00 -30.70 15.27
N LEU A 59 -11.21 -30.46 16.56
CA LEU A 59 -11.47 -29.11 17.03
C LEU A 59 -10.20 -28.27 17.11
N LEU A 60 -9.07 -28.89 17.45
CA LEU A 60 -7.82 -28.15 17.59
C LEU A 60 -7.15 -27.88 16.26
N GLU A 61 -7.45 -28.65 15.22
CA GLU A 61 -6.83 -28.43 13.91
C GLU A 61 -7.60 -27.43 13.07
N ASN A 62 -8.93 -27.51 13.08
CA ASN A 62 -9.74 -26.63 12.24
C ASN A 62 -9.85 -25.22 12.79
N ILE A 63 -9.64 -25.04 14.10
CA ILE A 63 -9.61 -23.69 14.67
C ILE A 63 -8.31 -22.98 14.31
N LEU A 64 -7.19 -23.70 14.39
CA LEU A 64 -5.88 -23.12 14.13
C LEU A 64 -5.67 -22.76 12.66
N VAL A 65 -6.42 -23.37 11.75
CA VAL A 65 -6.34 -22.98 10.34
C VAL A 65 -7.04 -21.64 10.12
N ILE A 66 -8.19 -21.42 10.76
CA ILE A 66 -8.93 -20.18 10.62
C ILE A 66 -8.18 -19.02 11.30
N VAL A 67 -7.49 -19.31 12.40
CA VAL A 67 -6.72 -18.28 13.09
C VAL A 67 -5.51 -17.86 12.27
N ALA A 68 -4.88 -18.82 11.58
CA ALA A 68 -3.70 -18.51 10.78
C ALA A 68 -4.06 -17.79 9.49
N ILE A 69 -5.26 -18.02 8.95
CA ILE A 69 -5.68 -17.31 7.74
C ILE A 69 -6.08 -15.87 8.07
N ALA A 70 -6.65 -15.64 9.25
CA ALA A 70 -7.17 -14.32 9.60
C ALA A 70 -6.09 -13.29 9.90
N LYS A 71 -4.88 -13.72 10.28
CA LYS A 71 -3.85 -12.80 10.75
C LYS A 71 -2.70 -12.61 9.78
N ASN A 72 -2.57 -13.43 8.75
CA ASN A 72 -1.56 -13.23 7.71
C ASN A 72 -2.24 -12.64 6.48
N LYS A 73 -1.74 -11.50 6.02
CA LYS A 73 -2.41 -10.75 4.95
C LYS A 73 -2.07 -11.28 3.57
N ASN A 74 -1.08 -12.16 3.44
CA ASN A 74 -0.81 -12.82 2.17
C ASN A 74 -1.82 -13.92 1.87
N LEU A 75 -2.68 -14.27 2.82
CA LEU A 75 -3.66 -15.34 2.67
C LEU A 75 -5.09 -14.80 2.58
N HIS A 76 -5.25 -13.58 2.06
CA HIS A 76 -6.58 -13.00 1.84
C HIS A 76 -7.00 -13.09 0.38
N SER A 77 -6.58 -14.15 -0.30
CA SER A 77 -6.92 -14.41 -1.69
C SER A 77 -8.28 -15.08 -1.77
N PRO A 78 -8.87 -15.20 -2.96
CA PRO A 78 -10.10 -16.00 -3.07
C PRO A 78 -9.91 -17.49 -2.86
N MET A 79 -8.67 -17.98 -3.01
CA MET A 79 -8.40 -19.43 -2.84
C MET A 79 -8.41 -19.81 -1.35
N TYR A 80 -7.88 -18.93 -0.49
CA TYR A 80 -7.83 -19.21 0.94
C TYR A 80 -9.14 -18.90 1.65
N PHE A 81 -10.09 -18.27 0.96
CA PHE A 81 -11.41 -18.09 1.55
C PHE A 81 -12.26 -19.34 1.41
N PHE A 82 -12.12 -20.06 0.29
CA PHE A 82 -12.83 -21.32 0.10
C PHE A 82 -12.29 -22.41 1.02
N ILE A 83 -11.02 -22.33 1.38
CA ILE A 83 -10.42 -23.34 2.27
C ILE A 83 -10.96 -23.18 3.68
N CYS A 84 -11.07 -21.94 4.17
CA CYS A 84 -11.59 -21.72 5.52
C CYS A 84 -13.09 -21.93 5.61
N SER A 85 -13.80 -21.93 4.48
CA SER A 85 -15.19 -22.35 4.48
C SER A 85 -15.34 -23.86 4.65
N LEU A 86 -14.28 -24.63 4.37
CA LEU A 86 -14.26 -26.06 4.62
C LEU A 86 -13.78 -26.38 6.04
N ALA A 87 -13.01 -25.50 6.65
CA ALA A 87 -12.65 -25.68 8.05
C ALA A 87 -13.79 -25.35 9.00
N VAL A 88 -14.77 -24.57 8.55
CA VAL A 88 -15.94 -24.27 9.37
C VAL A 88 -16.95 -25.41 9.29
N ALA A 89 -17.18 -25.94 8.08
CA ALA A 89 -18.14 -27.02 7.89
C ALA A 89 -17.64 -28.36 8.43
N ASP A 90 -16.34 -28.50 8.65
CA ASP A 90 -15.81 -29.69 9.30
C ASP A 90 -15.82 -29.56 10.82
N MET A 91 -15.71 -28.33 11.33
CA MET A 91 -15.80 -28.12 12.78
C MET A 91 -17.21 -28.37 13.29
N LEU A 92 -18.23 -27.98 12.51
CA LEU A 92 -19.61 -28.20 12.92
C LEU A 92 -19.98 -29.68 12.85
N VAL A 93 -19.48 -30.41 11.86
CA VAL A 93 -19.79 -31.83 11.76
C VAL A 93 -19.02 -32.66 12.78
N SER A 94 -17.96 -32.12 13.37
CA SER A 94 -17.21 -32.82 14.39
C SER A 94 -17.62 -32.45 15.80
N VAL A 95 -18.39 -31.38 15.98
CA VAL A 95 -18.96 -31.01 17.27
C VAL A 95 -20.35 -31.57 17.45
N SER A 96 -21.16 -31.55 16.38
CA SER A 96 -22.53 -32.04 16.44
C SER A 96 -22.62 -33.55 16.65
N ASN A 97 -21.55 -34.29 16.36
CA ASN A 97 -21.49 -35.70 16.74
C ASN A 97 -20.92 -35.91 18.13
N GLY A 98 -20.25 -34.90 18.68
CA GLY A 98 -19.80 -34.95 20.06
C GLY A 98 -20.86 -34.44 21.01
N SER A 99 -21.74 -33.58 20.51
CA SER A 99 -22.88 -33.08 21.28
C SER A 99 -24.09 -33.98 21.18
N GLU A 100 -23.92 -35.19 20.65
CA GLU A 100 -24.96 -36.22 20.64
C GLU A 100 -24.53 -37.50 21.32
N THR A 101 -23.22 -37.73 21.49
CA THR A 101 -22.75 -38.90 22.20
C THR A 101 -22.88 -38.74 23.71
N ILE A 102 -22.59 -37.55 24.22
CA ILE A 102 -22.64 -37.33 25.67
C ILE A 102 -24.06 -37.06 26.16
N VAL A 103 -24.98 -36.73 25.26
CA VAL A 103 -26.39 -36.62 25.64
C VAL A 103 -26.96 -38.01 25.92
N ILE A 104 -26.56 -39.00 25.11
CA ILE A 104 -27.02 -40.38 25.26
C ILE A 104 -26.53 -40.97 26.59
N THR A 105 -25.29 -40.65 26.97
CA THR A 105 -24.75 -41.10 28.25
C THR A 105 -25.42 -40.41 29.43
N LEU A 106 -26.04 -39.26 29.23
CA LEU A 106 -26.59 -38.45 30.30
C LEU A 106 -28.11 -38.41 30.35
N LEU A 107 -28.80 -38.95 29.34
CA LEU A 107 -30.25 -38.87 29.30
C LEU A 107 -30.95 -40.21 29.08
N ASN A 108 -30.21 -41.30 28.94
CA ASN A 108 -30.83 -42.61 28.76
C ASN A 108 -31.40 -43.14 30.07
N SER A 116 -41.36 -37.70 26.19
CA SER A 116 -41.53 -37.15 24.86
C SER A 116 -40.85 -35.78 24.74
N PHE A 117 -39.79 -35.60 25.52
CA PHE A 117 -38.97 -34.39 25.48
C PHE A 117 -37.69 -34.58 24.68
N THR A 118 -37.10 -35.79 24.72
CA THR A 118 -35.86 -36.06 24.01
C THR A 118 -36.04 -36.21 22.50
N VAL A 119 -37.28 -36.22 22.02
CA VAL A 119 -37.52 -36.18 20.58
C VAL A 119 -37.05 -34.85 20.00
N ASN A 120 -37.23 -33.76 20.76
CA ASN A 120 -36.89 -32.43 20.30
C ASN A 120 -35.40 -32.10 20.38
N ILE A 121 -34.56 -33.06 20.78
CA ILE A 121 -33.12 -32.97 20.59
C ILE A 121 -32.59 -34.11 19.74
N ASP A 122 -33.46 -35.00 19.28
CA ASP A 122 -33.18 -35.89 18.17
C ASP A 122 -33.77 -35.34 16.87
N ASN A 123 -34.23 -34.09 16.89
CA ASN A 123 -34.66 -33.38 15.69
C ASN A 123 -33.93 -32.07 15.48
N VAL A 124 -33.02 -31.69 16.36
CA VAL A 124 -32.22 -30.48 16.23
C VAL A 124 -30.74 -30.81 16.11
N ILE A 125 -30.25 -31.73 16.93
CA ILE A 125 -28.86 -32.17 16.82
C ILE A 125 -28.68 -32.99 15.54
N ASP A 126 -29.66 -33.83 15.23
CA ASP A 126 -29.60 -34.62 13.96
C ASP A 126 -29.65 -33.64 12.78
N SER A 127 -30.47 -32.58 12.91
CA SER A 127 -30.68 -31.57 11.84
C SER A 127 -29.41 -30.77 11.48
N VAL A 128 -28.57 -30.43 12.46
CA VAL A 128 -27.39 -29.63 12.17
C VAL A 128 -26.26 -30.53 11.66
N ILE A 129 -26.41 -31.85 11.84
CA ILE A 129 -25.48 -32.79 11.21
C ILE A 129 -25.70 -32.81 9.70
N CYS A 130 -26.96 -32.94 9.27
CA CYS A 130 -27.29 -32.98 7.86
C CYS A 130 -27.04 -31.65 7.16
N SER A 131 -27.03 -30.54 7.90
CA SER A 131 -26.65 -29.26 7.30
C SER A 131 -25.14 -29.13 7.16
N SER A 132 -24.38 -29.85 7.98
CA SER A 132 -22.93 -29.79 7.90
C SER A 132 -22.35 -30.82 6.94
N LEU A 133 -23.07 -31.91 6.65
CA LEU A 133 -22.63 -32.84 5.62
C LEU A 133 -22.77 -32.22 4.23
N LEU A 134 -23.83 -31.44 4.02
CA LEU A 134 -24.05 -30.84 2.71
C LEU A 134 -23.09 -29.70 2.45
N ALA A 135 -22.70 -28.95 3.49
CA ALA A 135 -21.76 -27.85 3.31
C ALA A 135 -20.32 -28.35 3.18
N SER A 136 -19.98 -29.47 3.82
CA SER A 136 -18.63 -29.99 3.71
C SER A 136 -18.40 -30.71 2.39
N ILE A 137 -19.47 -31.11 1.70
CA ILE A 137 -19.32 -31.66 0.36
C ILE A 137 -19.25 -30.52 -0.66
N CYS A 138 -20.13 -29.53 -0.54
CA CYS A 138 -20.16 -28.42 -1.47
C CYS A 138 -18.96 -27.49 -1.33
N SER A 139 -18.27 -27.51 -0.19
CA SER A 139 -17.03 -26.75 -0.07
C SER A 139 -15.90 -27.43 -0.82
N LEU A 140 -15.93 -28.77 -0.91
CA LEU A 140 -14.90 -29.50 -1.64
C LEU A 140 -15.05 -29.30 -3.14
N LEU A 141 -16.25 -29.06 -3.64
CA LEU A 141 -16.42 -28.80 -5.05
C LEU A 141 -16.05 -27.38 -5.42
N SER A 142 -16.27 -26.42 -4.54
CA SER A 142 -15.95 -25.03 -4.83
C SER A 142 -14.46 -24.76 -4.84
N ILE A 143 -13.66 -25.60 -4.19
CA ILE A 143 -12.20 -25.48 -4.28
C ILE A 143 -11.71 -25.98 -5.63
N ALA A 144 -12.30 -27.06 -6.13
CA ALA A 144 -11.85 -27.65 -7.40
C ALA A 144 -12.26 -26.78 -8.60
N VAL A 145 -13.38 -26.07 -8.51
CA VAL A 145 -13.76 -25.17 -9.58
C VAL A 145 -12.93 -23.88 -9.51
N ASP A 146 -12.54 -23.46 -8.30
CA ASP A 146 -11.64 -22.33 -8.16
C ASP A 146 -10.24 -22.64 -8.68
N ARG A 147 -9.76 -23.86 -8.45
CA ARG A 147 -8.48 -24.28 -9.00
C ARG A 147 -8.52 -24.50 -10.49
N TYR A 148 -9.72 -24.74 -11.06
CA TYR A 148 -9.85 -24.96 -12.49
C TYR A 148 -9.82 -23.66 -13.28
N PHE A 149 -10.26 -22.55 -12.68
CA PHE A 149 -10.29 -21.28 -13.40
C PHE A 149 -8.95 -20.57 -13.42
N THR A 150 -8.04 -20.92 -12.51
CA THR A 150 -6.71 -20.34 -12.55
C THR A 150 -5.82 -20.93 -13.63
N ILE A 151 -6.25 -21.99 -14.29
CA ILE A 151 -5.46 -22.68 -15.31
C ILE A 151 -6.06 -22.48 -16.70
N PHE A 152 -7.35 -22.74 -16.84
CA PHE A 152 -7.98 -22.66 -18.16
C PHE A 152 -8.56 -21.29 -18.47
N TYR A 153 -8.62 -20.40 -17.48
CA TYR A 153 -8.97 -19.00 -17.67
C TYR A 153 -7.91 -18.13 -17.02
N ALA A 154 -6.64 -18.42 -17.31
CA ALA A 154 -5.53 -17.90 -16.54
C ALA A 154 -5.25 -16.42 -16.78
N LEU A 155 -5.57 -15.90 -17.97
CA LEU A 155 -5.24 -14.51 -18.26
C LEU A 155 -6.35 -13.54 -17.90
N GLN A 156 -7.60 -14.01 -17.78
CA GLN A 156 -8.71 -13.17 -17.37
C GLN A 156 -9.31 -13.67 -16.07
N TYR A 157 -8.46 -14.09 -15.14
CA TYR A 157 -8.93 -14.70 -13.90
C TYR A 157 -9.45 -13.66 -12.91
N HIS A 158 -8.78 -12.52 -12.81
CA HIS A 158 -9.16 -11.52 -11.82
C HIS A 158 -10.40 -10.73 -12.22
N ASN A 159 -10.79 -10.76 -13.49
CA ASN A 159 -12.06 -10.18 -13.91
C ASN A 159 -13.25 -11.08 -13.60
N ILE A 160 -13.01 -12.33 -13.21
CA ILE A 160 -14.06 -13.31 -12.98
C ILE A 160 -14.23 -13.61 -11.50
N MET A 161 -13.16 -14.02 -10.82
CA MET A 161 -13.22 -14.39 -9.41
C MET A 161 -12.72 -13.24 -8.56
N THR A 162 -13.58 -12.24 -8.39
CA THR A 162 -13.29 -11.10 -7.52
C THR A 162 -13.98 -11.29 -6.18
N VAL A 163 -13.66 -10.40 -5.23
CA VAL A 163 -14.06 -10.58 -3.83
C VAL A 163 -15.56 -10.36 -3.66
N LYS A 164 -16.17 -9.51 -4.49
CA LYS A 164 -17.62 -9.32 -4.44
C LYS A 164 -18.37 -10.57 -4.90
N ARG A 165 -17.84 -11.30 -5.87
CA ARG A 165 -18.46 -12.54 -6.30
C ARG A 165 -18.09 -13.73 -5.43
N VAL A 166 -17.01 -13.62 -4.64
CA VAL A 166 -16.63 -14.71 -3.74
C VAL A 166 -17.55 -14.75 -2.54
N GLY A 167 -17.79 -13.60 -1.91
CA GLY A 167 -18.65 -13.51 -0.74
C GLY A 167 -20.12 -13.83 -1.00
N ILE A 168 -20.57 -13.69 -2.25
CA ILE A 168 -21.93 -14.09 -2.59
C ILE A 168 -22.04 -15.61 -2.65
N ILE A 169 -21.11 -16.26 -3.35
CA ILE A 169 -21.15 -17.71 -3.54
C ILE A 169 -20.85 -18.44 -2.23
N ILE A 170 -19.89 -17.94 -1.44
CA ILE A 170 -19.51 -18.59 -0.20
C ILE A 170 -20.56 -18.44 0.90
N SER A 171 -21.55 -17.57 0.71
CA SER A 171 -22.66 -17.42 1.65
C SER A 171 -23.98 -17.91 1.11
N CYS A 172 -24.09 -18.20 -0.19
CA CYS A 172 -25.27 -18.82 -0.76
C CYS A 172 -25.23 -20.34 -0.68
N ILE A 173 -24.02 -20.90 -0.72
CA ILE A 173 -23.84 -22.33 -0.44
C ILE A 173 -24.27 -22.65 0.99
N TRP A 174 -23.85 -21.81 1.95
CA TRP A 174 -24.24 -21.99 3.34
C TRP A 174 -25.72 -21.69 3.59
N ALA A 175 -26.37 -20.98 2.68
CA ALA A 175 -27.81 -20.74 2.81
C ALA A 175 -28.61 -21.93 2.30
N ALA A 176 -28.24 -22.47 1.15
CA ALA A 176 -28.93 -23.62 0.59
C ALA A 176 -28.61 -24.92 1.30
N CYS A 177 -27.52 -24.97 2.09
CA CYS A 177 -27.21 -26.13 2.91
C CYS A 177 -27.85 -26.06 4.28
N THR A 178 -28.52 -24.96 4.62
CA THR A 178 -29.24 -24.83 5.87
C THR A 178 -30.75 -24.98 5.68
N VAL A 179 -31.26 -24.61 4.50
CA VAL A 179 -32.67 -24.83 4.19
C VAL A 179 -32.94 -26.32 4.00
N SER A 180 -32.16 -26.97 3.14
CA SER A 180 -32.39 -28.38 2.85
C SER A 180 -31.97 -29.29 3.99
N GLY A 181 -31.06 -28.85 4.86
CA GLY A 181 -30.70 -29.65 6.02
C GLY A 181 -31.82 -29.73 7.05
N ILE A 182 -32.61 -28.66 7.16
CA ILE A 182 -33.77 -28.67 8.04
C ILE A 182 -34.94 -29.43 7.40
N LEU A 183 -35.15 -29.21 6.09
CA LEU A 183 -36.23 -29.87 5.36
C LEU A 183 -36.06 -31.38 5.23
N PHE A 184 -34.83 -31.88 5.30
CA PHE A 184 -34.61 -33.32 5.16
C PHE A 184 -34.97 -34.08 6.42
N ILE A 185 -34.90 -33.42 7.59
CA ILE A 185 -35.08 -34.12 8.84
C ILE A 185 -36.55 -34.27 9.21
N ILE A 186 -37.35 -33.21 9.02
CA ILE A 186 -38.78 -33.29 9.29
C ILE A 186 -39.56 -33.98 8.19
N TYR A 187 -38.90 -34.39 7.11
CA TYR A 187 -39.52 -35.18 6.05
C TYR A 187 -38.76 -36.49 5.87
N SER A 188 -38.23 -37.04 6.98
CA SER A 188 -37.38 -38.22 6.90
C SER A 188 -38.15 -39.50 6.61
N ASP A 189 -39.44 -39.55 6.92
CA ASP A 189 -40.21 -40.76 6.68
C ASP A 189 -40.61 -40.92 5.22
N SER A 190 -40.41 -39.90 4.39
CA SER A 190 -40.69 -40.00 2.96
C SER A 190 -39.60 -40.82 2.28
N SER A 191 -40.01 -41.61 1.28
CA SER A 191 -39.08 -42.42 0.52
C SER A 191 -38.39 -41.63 -0.59
N ALA A 192 -38.84 -40.40 -0.87
CA ALA A 192 -38.30 -39.59 -1.94
C ALA A 192 -37.23 -38.61 -1.46
N VAL A 193 -36.78 -38.75 -0.21
CA VAL A 193 -35.67 -37.94 0.29
C VAL A 193 -34.35 -38.68 0.17
N ILE A 194 -34.35 -40.01 0.14
CA ILE A 194 -33.13 -40.79 -0.02
C ILE A 194 -32.61 -40.72 -1.44
N ILE A 195 -33.47 -40.45 -2.43
CA ILE A 195 -33.02 -40.27 -3.80
C ILE A 195 -32.43 -38.87 -4.02
N CYS A 196 -32.51 -37.99 -3.02
CA CYS A 196 -31.93 -36.66 -3.14
C CYS A 196 -30.59 -36.55 -2.41
N LEU A 197 -30.25 -37.50 -1.54
CA LEU A 197 -28.89 -37.58 -1.02
C LEU A 197 -27.99 -38.51 -1.81
N ILE A 198 -28.57 -39.52 -2.48
CA ILE A 198 -27.79 -40.38 -3.36
C ILE A 198 -27.35 -39.61 -4.59
N THR A 199 -28.23 -38.76 -5.12
CA THR A 199 -27.89 -37.95 -6.29
C THR A 199 -26.89 -36.87 -5.94
N MET A 200 -27.01 -36.25 -4.76
CA MET A 200 -26.13 -35.16 -4.35
C MET A 200 -24.74 -35.62 -3.91
N PHE A 201 -24.40 -36.90 -4.07
CA PHE A 201 -23.04 -37.37 -3.89
C PHE A 201 -22.43 -37.88 -5.18
N PHE A 202 -23.18 -38.64 -5.96
CA PHE A 202 -22.67 -39.22 -7.21
C PHE A 202 -22.74 -38.25 -8.38
N THR A 203 -23.04 -36.97 -8.15
CA THR A 203 -22.82 -35.95 -9.15
C THR A 203 -21.85 -34.88 -8.68
N MET A 204 -21.50 -34.85 -7.41
CA MET A 204 -20.36 -34.08 -6.93
C MET A 204 -19.08 -34.90 -6.93
N LEU A 205 -19.17 -36.22 -7.13
CA LEU A 205 -18.01 -37.07 -7.29
C LEU A 205 -17.65 -37.30 -8.75
N ALA A 206 -18.65 -37.41 -9.63
CA ALA A 206 -18.42 -37.51 -11.06
C ALA A 206 -18.12 -36.16 -11.70
N LEU A 207 -18.12 -35.08 -10.92
CA LEU A 207 -17.75 -33.76 -11.42
C LEU A 207 -16.45 -33.25 -10.81
N MET A 208 -16.13 -33.65 -9.58
CA MET A 208 -14.84 -33.29 -9.01
C MET A 208 -13.71 -34.12 -9.59
N ALA A 209 -14.00 -35.36 -9.99
CA ALA A 209 -12.99 -36.20 -10.61
C ALA A 209 -12.67 -35.76 -12.03
N SER A 210 -13.63 -35.16 -12.73
CA SER A 210 -13.40 -34.76 -14.11
C SER A 210 -12.50 -33.54 -14.21
N LEU A 211 -12.57 -32.65 -13.22
CA LEU A 211 -11.72 -31.45 -13.25
C LEU A 211 -10.27 -31.78 -12.93
N TYR A 212 -10.04 -32.65 -11.95
CA TYR A 212 -8.66 -33.00 -11.59
C TYR A 212 -7.99 -33.90 -12.62
N VAL A 213 -8.77 -34.58 -13.46
CA VAL A 213 -8.19 -35.36 -14.55
C VAL A 213 -7.85 -34.46 -15.73
N HIS A 214 -8.72 -33.49 -16.04
CA HIS A 214 -8.43 -32.55 -17.10
C HIS A 214 -7.34 -31.56 -16.71
N MET A 215 -7.12 -31.33 -15.42
CA MET A 215 -5.95 -30.58 -14.99
C MET A 215 -4.69 -31.45 -14.94
N PHE A 216 -4.84 -32.76 -14.99
CA PHE A 216 -3.72 -33.69 -15.08
C PHE A 216 -3.26 -33.87 -16.53
N LEU A 217 -4.18 -33.82 -17.49
CA LEU A 217 -3.83 -33.88 -18.90
C LEU A 217 -3.41 -32.53 -19.45
N MET A 218 -3.46 -31.47 -18.65
CA MET A 218 -2.85 -30.19 -19.01
C MET A 218 -1.44 -30.05 -18.50
N ALA A 219 -1.13 -30.64 -17.35
CA ALA A 219 0.22 -30.64 -16.82
C ALA A 219 1.12 -31.69 -17.47
N ARG A 220 0.60 -32.47 -18.42
CA ARG A 220 1.41 -33.46 -19.11
C ARG A 220 1.88 -32.98 -20.47
N LEU A 221 1.22 -31.99 -21.06
CA LEU A 221 1.79 -31.30 -22.21
C LEU A 221 2.97 -30.42 -21.79
N HIS A 222 2.95 -29.90 -20.56
CA HIS A 222 4.01 -29.03 -20.09
C HIS A 222 5.27 -29.77 -19.66
N ILE A 223 5.27 -31.10 -19.69
CA ILE A 223 6.48 -31.86 -19.36
C ILE A 223 7.07 -32.34 -20.68
N LYS A 224 6.22 -32.49 -21.70
CA LYS A 224 6.70 -32.85 -23.03
C LYS A 224 7.50 -31.72 -23.67
N ARG A 225 7.23 -30.46 -23.29
CA ARG A 225 7.94 -29.32 -23.84
C ARG A 225 8.89 -28.68 -22.84
N ILE A 226 9.26 -29.39 -21.78
CA ILE A 226 10.31 -28.97 -20.88
C ILE A 226 11.56 -29.84 -21.03
N ALA A 227 11.39 -31.16 -21.15
CA ALA A 227 12.51 -32.10 -21.14
C ALA A 227 13.33 -32.09 -22.42
N VAL A 228 12.90 -31.38 -23.46
CA VAL A 228 13.62 -31.33 -24.72
C VAL A 228 14.58 -30.14 -24.70
N LEU A 229 14.55 -29.39 -23.61
CA LEU A 229 15.43 -28.23 -23.48
C LEU A 229 16.81 -28.69 -23.04
N PRO A 230 17.87 -28.26 -23.73
CA PRO A 230 19.20 -28.82 -23.48
C PRO A 230 19.79 -28.35 -22.16
N GLY A 231 20.42 -29.28 -21.45
CA GLY A 231 21.06 -28.98 -20.18
C GLY A 231 21.77 -30.16 -19.57
N ASN A 240 5.17 -38.60 -15.19
CA ASN A 240 4.93 -37.53 -14.22
C ASN A 240 5.38 -37.97 -12.83
N MET A 241 4.61 -38.88 -12.23
CA MET A 241 4.88 -39.55 -10.96
C MET A 241 4.93 -38.60 -9.77
N LYS A 242 4.43 -37.38 -9.91
CA LYS A 242 4.27 -36.47 -8.77
C LYS A 242 2.85 -35.93 -8.80
N GLY A 243 2.28 -35.83 -9.99
CA GLY A 243 0.89 -35.53 -10.18
C GLY A 243 0.02 -36.74 -10.31
N ALA A 244 0.58 -37.94 -10.17
CA ALA A 244 -0.19 -39.17 -10.07
C ALA A 244 -0.41 -39.59 -8.63
N ILE A 245 0.53 -39.28 -7.74
CA ILE A 245 0.31 -39.46 -6.31
C ILE A 245 -0.76 -38.50 -5.82
N THR A 246 -0.80 -37.28 -6.39
CA THR A 246 -1.73 -36.25 -5.93
C THR A 246 -3.18 -36.59 -6.25
N LEU A 247 -3.44 -37.15 -7.43
CA LEU A 247 -4.80 -37.57 -7.76
C LEU A 247 -5.25 -38.80 -6.98
N THR A 248 -4.33 -39.59 -6.43
CA THR A 248 -4.71 -40.75 -5.63
C THR A 248 -4.68 -40.46 -4.13
N ILE A 249 -4.64 -39.18 -3.74
CA ILE A 249 -4.79 -38.80 -2.35
C ILE A 249 -6.00 -37.88 -2.24
N LEU A 250 -6.24 -37.09 -3.28
CA LEU A 250 -7.37 -36.16 -3.26
C LEU A 250 -8.68 -36.83 -3.65
N ILE A 251 -8.64 -37.84 -4.51
CA ILE A 251 -9.83 -38.62 -4.82
C ILE A 251 -9.85 -39.93 -4.03
N GLY A 252 -8.70 -40.40 -3.53
CA GLY A 252 -8.70 -41.61 -2.74
C GLY A 252 -9.28 -41.41 -1.35
N VAL A 253 -8.99 -40.28 -0.72
CA VAL A 253 -9.51 -40.01 0.61
C VAL A 253 -11.00 -39.69 0.55
N PHE A 254 -11.43 -38.97 -0.50
CA PHE A 254 -12.83 -38.61 -0.67
C PHE A 254 -13.73 -39.81 -0.97
N VAL A 255 -13.16 -40.92 -1.45
CA VAL A 255 -13.93 -42.11 -1.75
C VAL A 255 -13.92 -43.11 -0.59
N VAL A 256 -12.78 -43.24 0.09
CA VAL A 256 -12.69 -44.16 1.22
C VAL A 256 -13.51 -43.65 2.41
N CYS A 257 -13.56 -42.34 2.62
CA CYS A 257 -14.21 -41.77 3.79
C CYS A 257 -15.70 -41.50 3.60
N TRP A 258 -16.16 -41.18 2.39
CA TRP A 258 -17.52 -40.72 2.20
C TRP A 258 -18.44 -41.73 1.51
N ALA A 259 -17.92 -42.57 0.61
CA ALA A 259 -18.74 -43.54 -0.10
C ALA A 259 -19.29 -44.73 0.70
N PRO A 260 -18.63 -45.25 1.76
CA PRO A 260 -19.34 -46.25 2.59
C PRO A 260 -20.62 -45.75 3.25
N PHE A 261 -20.73 -44.46 3.55
CA PHE A 261 -21.98 -43.96 4.13
C PHE A 261 -23.08 -43.84 3.08
N PHE A 262 -22.75 -43.31 1.89
CA PHE A 262 -23.76 -43.10 0.87
C PHE A 262 -24.14 -44.38 0.14
N LEU A 263 -23.34 -45.45 0.27
CA LEU A 263 -23.74 -46.74 -0.27
C LEU A 263 -24.72 -47.45 0.66
N HIS A 264 -24.70 -47.09 1.95
CA HIS A 264 -25.68 -47.60 2.91
C HIS A 264 -27.08 -47.14 2.55
N LEU A 265 -27.23 -45.94 2.02
CA LEU A 265 -28.54 -45.41 1.66
C LEU A 265 -29.08 -45.98 0.35
N ILE A 266 -28.27 -46.71 -0.41
CA ILE A 266 -28.78 -47.38 -1.61
C ILE A 266 -29.37 -48.74 -1.26
N PHE A 267 -28.74 -49.47 -0.33
CA PHE A 267 -29.31 -50.72 0.14
C PHE A 267 -30.53 -50.48 1.03
N TYR A 268 -30.65 -49.28 1.59
CA TYR A 268 -31.74 -48.97 2.51
C TYR A 268 -33.08 -48.86 1.79
N ILE A 269 -33.10 -48.45 0.53
CA ILE A 269 -34.35 -48.23 -0.20
C ILE A 269 -34.57 -49.24 -1.30
N SER A 270 -33.67 -50.19 -1.50
CA SER A 270 -33.82 -51.17 -2.57
C SER A 270 -33.85 -52.60 -2.07
N CYS A 271 -33.00 -52.97 -1.12
CA CYS A 271 -32.99 -54.32 -0.55
C CYS A 271 -33.00 -54.24 0.98
N PRO A 272 -34.18 -54.05 1.59
CA PRO A 272 -34.28 -54.20 3.05
C PRO A 272 -34.64 -55.61 3.52
N GLN A 273 -34.67 -56.58 2.61
CA GLN A 273 -34.95 -57.97 2.95
C GLN A 273 -33.86 -58.93 2.51
N ASN A 274 -32.91 -58.47 1.69
CA ASN A 274 -31.83 -59.33 1.22
C ASN A 274 -30.88 -59.60 2.39
N PRO A 275 -30.52 -60.87 2.64
CA PRO A 275 -29.60 -61.17 3.75
C PRO A 275 -28.18 -60.66 3.56
N TYR A 276 -27.81 -60.18 2.37
CA TYR A 276 -26.50 -59.58 2.16
C TYR A 276 -26.52 -58.06 2.33
N CYS A 277 -27.63 -57.40 1.96
CA CYS A 277 -27.76 -55.98 2.21
C CYS A 277 -28.00 -55.68 3.69
N VAL A 278 -28.70 -56.58 4.39
CA VAL A 278 -28.98 -56.38 5.81
C VAL A 278 -27.71 -56.49 6.63
N CYS A 279 -26.83 -57.43 6.27
CA CYS A 279 -25.61 -57.63 7.04
C CYS A 279 -24.57 -56.56 6.76
N PHE A 280 -24.63 -55.92 5.60
CA PHE A 280 -23.76 -54.77 5.35
C PHE A 280 -24.24 -53.54 6.12
N MET A 281 -25.57 -53.41 6.29
CA MET A 281 -26.16 -52.29 7.02
C MET A 281 -26.04 -52.42 8.52
N SER A 282 -25.45 -53.49 9.03
CA SER A 282 -25.23 -53.68 10.47
C SER A 282 -23.89 -53.13 10.93
N HIS A 283 -23.33 -52.15 10.20
CA HIS A 283 -22.09 -51.51 10.55
C HIS A 283 -22.20 -49.99 10.40
N PHE A 284 -23.38 -49.45 10.71
CA PHE A 284 -23.64 -48.02 10.51
C PHE A 284 -22.81 -47.16 11.47
N ASN A 285 -22.47 -47.68 12.64
CA ASN A 285 -21.65 -46.92 13.57
C ASN A 285 -20.19 -46.86 13.16
N LEU A 286 -19.77 -47.65 12.17
CA LEU A 286 -18.43 -47.54 11.62
C LEU A 286 -18.38 -46.69 10.36
N TYR A 287 -19.53 -46.36 9.78
CA TYR A 287 -19.59 -45.43 8.65
C TYR A 287 -19.74 -43.99 9.10
N LEU A 288 -19.68 -43.75 10.40
CA LEU A 288 -19.64 -42.39 10.95
C LEU A 288 -18.29 -42.05 11.56
N ILE A 289 -17.49 -43.05 11.91
CA ILE A 289 -16.10 -42.79 12.28
C ILE A 289 -15.29 -42.43 11.06
N LEU A 290 -15.62 -43.00 9.90
CA LEU A 290 -14.91 -42.68 8.66
C LEU A 290 -15.22 -41.26 8.20
N ILE A 291 -16.45 -40.79 8.43
CA ILE A 291 -16.79 -39.41 8.10
C ILE A 291 -16.06 -38.45 9.03
N MET A 292 -15.97 -38.79 10.32
CA MET A 292 -15.27 -37.92 11.26
C MET A 292 -13.76 -37.98 11.10
N CYS A 293 -13.22 -39.02 10.45
CA CYS A 293 -11.80 -39.02 10.12
C CYS A 293 -11.48 -38.17 8.91
N ASN A 294 -12.47 -37.85 8.08
CA ASN A 294 -12.28 -36.91 6.98
C ASN A 294 -12.05 -35.50 7.49
N SER A 295 -12.59 -35.17 8.67
CA SER A 295 -12.43 -33.84 9.24
C SER A 295 -11.03 -33.59 9.80
N ILE A 296 -10.25 -34.62 10.03
CA ILE A 296 -8.86 -34.44 10.46
C ILE A 296 -7.90 -34.48 9.28
N ILE A 297 -8.25 -35.19 8.21
CA ILE A 297 -7.36 -35.33 7.06
C ILE A 297 -7.38 -34.06 6.21
N ASP A 298 -8.55 -33.41 6.09
CA ASP A 298 -8.67 -32.23 5.25
C ASP A 298 -7.84 -31.00 5.67
N PRO A 299 -7.53 -30.76 6.95
CA PRO A 299 -6.48 -29.75 7.22
C PRO A 299 -5.10 -30.14 6.73
N LEU A 300 -4.81 -31.43 6.58
CA LEU A 300 -3.47 -31.85 6.19
C LEU A 300 -3.24 -31.76 4.69
N ILE A 301 -4.24 -32.12 3.87
CA ILE A 301 -4.04 -32.27 2.44
C ILE A 301 -4.43 -31.04 1.62
N TYR A 302 -5.11 -30.06 2.23
CA TYR A 302 -5.48 -28.84 1.52
C TYR A 302 -4.78 -27.61 2.07
N ALA A 303 -4.92 -27.33 3.36
CA ALA A 303 -4.45 -26.07 3.92
C ALA A 303 -2.95 -26.07 4.18
N LEU A 304 -2.41 -27.16 4.72
CA LEU A 304 -1.01 -27.20 5.09
C LEU A 304 -0.08 -27.52 3.93
N ARG A 305 -0.61 -27.68 2.71
CA ARG A 305 0.24 -27.79 1.54
C ARG A 305 0.78 -26.45 1.09
N SER A 306 0.17 -25.35 1.55
CA SER A 306 0.62 -24.01 1.22
C SER A 306 1.86 -23.66 2.03
N GLN A 307 2.88 -23.12 1.35
CA GLN A 307 4.13 -22.78 2.03
C GLN A 307 3.98 -21.57 2.95
N GLU A 308 3.10 -20.64 2.61
CA GLU A 308 2.90 -19.47 3.46
C GLU A 308 1.95 -19.72 4.61
N LEU A 309 1.10 -20.75 4.52
CA LEU A 309 0.21 -21.07 5.62
C LEU A 309 0.85 -21.98 6.64
N ARG A 310 1.91 -22.70 6.27
CA ARG A 310 2.62 -23.52 7.25
C ARG A 310 3.52 -22.68 8.14
N LYS A 311 4.06 -21.57 7.63
CA LYS A 311 4.83 -20.65 8.47
C LYS A 311 3.92 -19.96 9.49
N THR A 312 2.73 -19.55 9.07
CA THR A 312 1.81 -18.90 9.99
C THR A 312 1.24 -19.90 11.00
N PHE A 313 1.11 -21.17 10.60
CA PHE A 313 0.59 -22.19 11.51
C PHE A 313 1.61 -22.52 12.60
N LYS A 314 2.91 -22.48 12.26
CA LYS A 314 3.93 -22.90 13.21
C LYS A 314 4.15 -21.87 14.33
N GLU A 315 3.98 -20.59 14.02
CA GLU A 315 4.24 -19.53 15.00
C GLU A 315 3.08 -19.28 15.94
N ILE A 316 2.01 -20.07 15.88
CA ILE A 316 0.87 -19.89 16.76
C ILE A 316 0.76 -21.03 17.78
N ILE A 317 1.16 -22.25 17.43
CA ILE A 317 1.12 -23.37 18.35
C ILE A 317 2.16 -23.21 19.44
N CYS B 3 -20.50 8.16 18.26
CA CYS B 3 -21.65 9.01 18.53
C CYS B 3 -21.25 10.17 19.43
N THR B 4 -19.96 10.44 19.49
CA THR B 4 -19.41 11.53 20.28
C THR B 4 -18.76 12.59 19.39
N LEU B 5 -18.73 12.36 18.07
CA LEU B 5 -18.07 13.27 17.14
C LEU B 5 -18.85 14.57 17.00
N SER B 6 -18.14 15.62 16.60
CA SER B 6 -18.73 16.93 16.38
C SER B 6 -19.49 16.95 15.06
N ALA B 7 -20.09 18.11 14.76
CA ALA B 7 -20.76 18.27 13.47
C ALA B 7 -19.76 18.41 12.33
N GLU B 8 -18.56 18.92 12.63
CA GLU B 8 -17.48 18.98 11.64
C GLU B 8 -16.67 17.70 11.60
N ASP B 9 -16.57 16.99 12.72
CA ASP B 9 -15.91 15.69 12.75
C ASP B 9 -16.66 14.62 11.98
N LYS B 10 -17.97 14.78 11.80
CA LYS B 10 -18.74 13.81 11.03
C LYS B 10 -18.60 14.03 9.53
N ALA B 11 -18.38 15.29 9.11
CA ALA B 11 -18.21 15.58 7.70
C ALA B 11 -16.80 15.28 7.20
N ALA B 12 -15.84 15.15 8.11
CA ALA B 12 -14.50 14.71 7.72
C ALA B 12 -14.42 13.19 7.60
N VAL B 13 -15.24 12.46 8.36
CA VAL B 13 -15.33 11.02 8.21
C VAL B 13 -15.99 10.67 6.88
N GLU B 14 -16.99 11.46 6.48
CA GLU B 14 -17.66 11.25 5.19
C GLU B 14 -16.74 11.57 4.02
N ARG B 15 -15.78 12.47 4.21
CA ARG B 15 -14.80 12.74 3.17
C ARG B 15 -13.82 11.57 3.02
N SER B 16 -13.48 10.91 4.13
CA SER B 16 -12.55 9.79 4.09
C SER B 16 -13.17 8.56 3.44
N LYS B 17 -14.47 8.33 3.65
CA LYS B 17 -15.13 7.18 3.04
C LYS B 17 -15.36 7.39 1.54
N MET B 18 -15.54 8.64 1.12
CA MET B 18 -15.68 8.93 -0.30
C MET B 18 -14.35 8.83 -1.04
N ILE B 19 -13.23 8.98 -0.33
CA ILE B 19 -11.93 8.92 -0.98
C ILE B 19 -11.55 7.49 -1.32
N ASP B 20 -11.70 6.56 -0.36
CA ASP B 20 -11.30 5.18 -0.60
C ASP B 20 -12.33 4.39 -1.39
N ARG B 21 -13.49 4.97 -1.67
CA ARG B 21 -14.37 4.39 -2.68
C ARG B 21 -13.77 4.53 -4.06
N ASN B 22 -13.09 5.65 -4.32
CA ASN B 22 -12.38 5.84 -5.57
C ASN B 22 -11.04 5.10 -5.62
N LEU B 23 -10.48 4.76 -4.46
CA LEU B 23 -9.25 3.97 -4.46
C LEU B 23 -9.51 2.52 -4.86
N ARG B 24 -10.67 1.98 -4.46
CA ARG B 24 -10.99 0.60 -4.82
C ARG B 24 -11.33 0.46 -6.29
N GLU B 25 -12.02 1.46 -6.86
CA GLU B 25 -12.37 1.39 -8.27
C GLU B 25 -11.17 1.64 -9.18
N ASP B 26 -10.08 2.18 -8.66
CA ASP B 26 -8.85 2.30 -9.42
C ASP B 26 -7.98 1.05 -9.28
N GLY B 27 -8.01 0.39 -8.13
CA GLY B 27 -7.25 -0.82 -7.91
C GLY B 27 -7.86 -2.07 -8.47
N GLU B 28 -9.13 -2.03 -8.89
CA GLU B 28 -9.79 -3.18 -9.48
C GLU B 28 -9.82 -3.12 -10.99
N LYS B 29 -9.56 -1.96 -11.59
CA LYS B 29 -9.40 -1.84 -13.03
C LYS B 29 -7.96 -2.03 -13.45
N ALA B 30 -7.05 -2.24 -12.49
CA ALA B 30 -5.65 -2.52 -12.76
C ALA B 30 -5.23 -3.86 -12.19
N ALA B 31 -6.17 -4.77 -11.96
CA ALA B 31 -5.89 -6.06 -11.36
C ALA B 31 -5.50 -7.10 -12.41
N ALA B 32 -6.24 -7.16 -13.52
CA ALA B 32 -5.98 -8.11 -14.59
C ALA B 32 -5.19 -7.47 -15.73
N THR B 33 -4.31 -6.53 -15.40
CA THR B 33 -3.37 -5.94 -16.36
C THR B 33 -1.99 -6.50 -16.06
N HIS B 34 -1.32 -6.99 -17.10
CA HIS B 34 -0.03 -7.66 -16.95
C HIS B 34 1.08 -6.72 -17.39
N ARG B 35 2.16 -6.69 -16.61
CA ARG B 35 3.23 -5.74 -16.79
C ARG B 35 4.49 -6.45 -17.24
N LEU B 36 5.15 -5.89 -18.25
CA LEU B 36 6.30 -6.52 -18.91
C LEU B 36 7.47 -5.56 -18.88
N LEU B 37 8.65 -6.06 -18.53
CA LEU B 37 9.87 -5.27 -18.52
C LEU B 37 10.70 -5.62 -19.76
N LEU B 38 10.94 -4.63 -20.62
CA LEU B 38 11.67 -4.82 -21.87
C LEU B 38 13.11 -4.40 -21.67
N LEU B 39 14.03 -5.37 -21.67
CA LEU B 39 15.45 -5.13 -21.63
C LEU B 39 16.02 -5.20 -23.05
N GLY B 40 17.34 -5.18 -23.16
CA GLY B 40 17.98 -5.20 -24.45
C GLY B 40 19.47 -4.98 -24.31
N ALA B 41 20.13 -4.76 -25.46
CA ALA B 41 21.56 -4.56 -25.49
C ALA B 41 21.97 -3.33 -26.29
N GLY B 42 21.02 -2.48 -26.69
CA GLY B 42 21.35 -1.24 -27.37
C GLY B 42 21.37 -1.36 -28.88
N GLU B 43 22.29 -2.18 -29.41
CA GLU B 43 22.39 -2.37 -30.85
C GLU B 43 21.30 -3.29 -31.38
N SER B 44 20.58 -3.99 -30.51
CA SER B 44 19.49 -4.85 -30.93
C SER B 44 18.29 -4.02 -31.39
N GLY B 45 17.32 -4.70 -31.99
CA GLY B 45 16.21 -4.00 -32.59
C GLY B 45 15.03 -3.78 -31.65
N LYS B 46 15.30 -3.45 -30.39
CA LYS B 46 14.23 -3.18 -29.43
C LYS B 46 13.49 -1.88 -29.72
N SER B 47 14.06 -1.00 -30.54
CA SER B 47 13.34 0.18 -31.01
C SER B 47 12.21 -0.22 -31.95
N THR B 48 12.49 -1.10 -32.92
CA THR B 48 11.51 -1.49 -33.92
C THR B 48 10.65 -2.66 -33.50
N ILE B 49 11.01 -3.37 -32.42
CA ILE B 49 10.11 -4.35 -31.85
C ILE B 49 8.97 -3.62 -31.13
N VAL B 50 9.26 -2.45 -30.55
CA VAL B 50 8.23 -1.58 -29.97
C VAL B 50 7.22 -1.16 -31.04
N LYS B 51 7.70 -0.87 -32.25
CA LYS B 51 6.80 -0.59 -33.37
C LYS B 51 5.99 -1.81 -33.77
N GLN B 52 6.54 -3.02 -33.58
CA GLN B 52 5.76 -4.23 -33.83
C GLN B 52 4.75 -4.48 -32.72
N MET B 53 5.15 -4.28 -31.47
CA MET B 53 4.30 -4.58 -30.32
C MET B 53 3.23 -3.52 -30.05
N ARG B 54 3.24 -2.40 -30.78
CA ARG B 54 2.30 -1.31 -30.52
C ARG B 54 1.09 -1.38 -31.46
N ILE B 55 1.33 -1.31 -32.76
CA ILE B 55 0.24 -1.32 -33.74
C ILE B 55 0.33 -2.57 -34.62
N GLY B 185 14.47 9.51 -18.60
CA GLY B 185 13.40 8.88 -17.86
C GLY B 185 13.02 7.50 -18.39
N ILE B 186 11.85 7.03 -17.99
CA ILE B 186 11.33 5.74 -18.42
C ILE B 186 10.36 5.97 -19.58
N PHE B 187 10.11 4.92 -20.35
CA PHE B 187 9.17 4.98 -21.46
C PHE B 187 8.16 3.84 -21.33
N GLU B 188 6.93 4.10 -21.77
CA GLU B 188 5.82 3.19 -21.53
C GLU B 188 5.02 2.94 -22.80
N THR B 189 4.86 1.67 -23.14
CA THR B 189 4.03 1.24 -24.25
C THR B 189 2.78 0.56 -23.68
N LYS B 190 1.66 0.73 -24.38
CA LYS B 190 0.38 0.18 -23.92
C LYS B 190 -0.37 -0.39 -25.12
N PHE B 191 -0.68 -1.68 -25.08
CA PHE B 191 -1.46 -2.34 -26.13
C PHE B 191 -2.42 -3.32 -25.48
N GLN B 192 -3.22 -3.99 -26.32
CA GLN B 192 -4.26 -4.89 -25.83
C GLN B 192 -4.53 -5.95 -26.89
N VAL B 193 -4.45 -7.22 -26.49
CA VAL B 193 -4.66 -8.35 -27.38
C VAL B 193 -5.81 -9.17 -26.83
N ASP B 194 -6.87 -9.35 -27.64
CA ASP B 194 -8.04 -10.19 -27.34
C ASP B 194 -8.73 -9.77 -26.04
N LYS B 195 -8.88 -8.45 -25.87
CA LYS B 195 -9.46 -7.80 -24.67
C LYS B 195 -8.70 -8.17 -23.40
N VAL B 196 -7.38 -8.34 -23.51
CA VAL B 196 -6.49 -8.50 -22.37
C VAL B 196 -5.44 -7.40 -22.45
N ASN B 197 -5.26 -6.65 -21.37
CA ASN B 197 -4.40 -5.48 -21.38
C ASN B 197 -2.98 -5.82 -20.96
N PHE B 198 -2.01 -5.30 -21.70
CA PHE B 198 -0.60 -5.43 -21.38
C PHE B 198 0.00 -4.03 -21.20
N HIS B 199 1.20 -3.99 -20.60
CA HIS B 199 1.75 -2.73 -20.11
C HIS B 199 3.27 -2.87 -20.08
N MET B 200 3.95 -2.27 -21.06
CA MET B 200 5.38 -2.48 -21.26
C MET B 200 6.17 -1.25 -20.82
N PHE B 201 7.41 -1.49 -20.37
CA PHE B 201 8.30 -0.45 -19.87
C PHE B 201 9.67 -0.58 -20.48
N ASP B 202 10.36 0.55 -20.60
CA ASP B 202 11.70 0.59 -21.18
C ASP B 202 12.50 1.66 -20.44
N VAL B 203 13.60 1.27 -19.82
CA VAL B 203 14.42 2.18 -19.01
C VAL B 203 15.58 2.64 -19.90
N GLY B 204 15.38 3.75 -20.59
CA GLY B 204 16.39 4.29 -21.48
C GLY B 204 17.54 4.97 -20.75
N ARG B 207 23.26 1.17 -16.01
CA ARG B 207 24.26 0.86 -17.03
C ARG B 207 25.27 -0.16 -16.52
N ASP B 208 26.35 0.33 -15.89
CA ASP B 208 27.34 -0.56 -15.31
C ASP B 208 26.76 -1.33 -14.13
N GLU B 209 26.13 -0.62 -13.20
CA GLU B 209 25.24 -1.24 -12.24
C GLU B 209 23.81 -1.07 -12.73
N ARG B 210 23.15 -2.19 -13.01
CA ARG B 210 21.70 -2.18 -13.19
C ARG B 210 20.98 -2.38 -11.86
N ARG B 211 21.73 -2.41 -10.76
CA ARG B 211 21.16 -2.53 -9.44
C ARG B 211 20.45 -1.23 -9.04
N LYS B 212 19.75 -1.31 -7.92
CA LYS B 212 19.03 -0.24 -7.23
C LYS B 212 17.85 0.31 -8.02
N TRP B 213 17.54 -0.27 -9.18
CA TRP B 213 16.23 -0.07 -9.80
C TRP B 213 15.64 -1.35 -10.37
N ILE B 214 16.40 -2.44 -10.44
CA ILE B 214 15.86 -3.71 -10.90
C ILE B 214 14.97 -4.35 -9.84
N GLN B 215 15.11 -3.94 -8.57
CA GLN B 215 14.28 -4.49 -7.51
C GLN B 215 12.85 -3.95 -7.52
N CYS B 216 12.57 -2.91 -8.31
CA CYS B 216 11.20 -2.45 -8.46
C CYS B 216 10.38 -3.40 -9.32
N PHE B 217 11.01 -4.05 -10.29
CA PHE B 217 10.32 -4.98 -11.19
C PHE B 217 10.40 -6.42 -10.68
N ASN B 218 10.00 -6.69 -9.45
CA ASN B 218 10.07 -8.04 -8.92
C ASN B 218 8.73 -8.75 -8.88
N ASP B 219 7.68 -8.15 -9.45
CA ASP B 219 6.39 -8.81 -9.56
C ASP B 219 5.77 -8.54 -10.93
N VAL B 220 6.61 -8.48 -11.97
CA VAL B 220 6.13 -8.40 -13.34
C VAL B 220 5.81 -9.81 -13.83
N THR B 221 5.12 -9.90 -14.96
CA THR B 221 4.79 -11.22 -15.50
C THR B 221 5.97 -11.84 -16.24
N ALA B 222 6.65 -11.08 -17.08
CA ALA B 222 7.75 -11.63 -17.88
C ALA B 222 8.71 -10.52 -18.27
N ILE B 223 9.98 -10.89 -18.41
CA ILE B 223 11.03 -10.02 -18.94
C ILE B 223 11.21 -10.34 -20.41
N ILE B 224 11.21 -9.32 -21.26
CA ILE B 224 11.42 -9.49 -22.69
C ILE B 224 12.87 -9.12 -23.00
N PHE B 225 13.63 -10.08 -23.51
CA PHE B 225 15.05 -9.92 -23.79
C PHE B 225 15.24 -9.94 -25.31
N VAL B 226 15.85 -8.89 -25.85
CA VAL B 226 16.10 -8.77 -27.29
C VAL B 226 17.60 -8.80 -27.54
N VAL B 227 18.03 -9.72 -28.39
CA VAL B 227 19.45 -9.89 -28.75
C VAL B 227 19.55 -9.87 -30.26
N ALA B 228 20.40 -9.00 -30.80
CA ALA B 228 20.76 -9.06 -32.21
C ALA B 228 21.68 -10.25 -32.41
N SER B 229 21.20 -11.28 -33.11
CA SER B 229 21.90 -12.54 -33.22
C SER B 229 22.82 -12.61 -34.44
N SER B 230 22.99 -11.49 -35.14
CA SER B 230 23.83 -11.45 -36.33
C SER B 230 25.17 -10.79 -36.08
N SER B 231 25.42 -10.29 -34.87
CA SER B 231 26.64 -9.58 -34.54
C SER B 231 27.47 -10.45 -33.59
N TYR B 232 28.26 -11.34 -34.18
CA TYR B 232 29.27 -12.09 -33.45
C TYR B 232 30.69 -11.68 -33.82
N ASN B 233 30.86 -10.98 -34.96
CA ASN B 233 32.15 -10.52 -35.42
C ASN B 233 32.42 -9.06 -35.07
N MET B 234 31.39 -8.29 -34.70
CA MET B 234 31.59 -6.91 -34.29
C MET B 234 32.23 -6.88 -32.92
N VAL B 235 33.47 -6.41 -32.85
CA VAL B 235 34.26 -6.46 -31.63
C VAL B 235 34.59 -5.06 -31.11
N ASN B 243 32.27 -9.27 -27.13
CA ASN B 243 32.37 -8.94 -28.55
C ASN B 243 31.00 -8.91 -29.20
N ARG B 244 30.07 -8.17 -28.56
CA ARG B 244 28.69 -7.89 -28.96
C ARG B 244 27.78 -9.11 -28.95
N LEU B 245 28.28 -10.29 -28.64
CA LEU B 245 27.45 -11.45 -28.32
C LEU B 245 27.85 -12.09 -27.00
N GLN B 246 29.14 -12.11 -26.69
CA GLN B 246 29.57 -12.46 -25.33
C GLN B 246 29.16 -11.38 -24.34
N GLU B 247 29.01 -10.13 -24.80
CA GLU B 247 28.45 -9.09 -23.95
C GLU B 247 26.97 -9.33 -23.67
N ALA B 248 26.24 -9.92 -24.61
CA ALA B 248 24.86 -10.28 -24.35
C ALA B 248 24.76 -11.54 -23.50
N LEU B 249 25.74 -12.44 -23.59
CA LEU B 249 25.73 -13.63 -22.75
C LEU B 249 26.11 -13.30 -21.31
N ASN B 250 26.96 -12.29 -21.10
CA ASN B 250 27.27 -11.84 -19.75
C ASN B 250 26.12 -11.08 -19.12
N LEU B 251 25.22 -10.51 -19.93
CA LEU B 251 24.08 -9.79 -19.39
C LEU B 251 22.96 -10.74 -18.99
N PHE B 252 22.71 -11.77 -19.81
CA PHE B 252 21.64 -12.73 -19.53
C PHE B 252 21.93 -13.56 -18.30
N LYS B 253 23.21 -13.82 -18.00
CA LYS B 253 23.56 -14.60 -16.82
C LYS B 253 23.38 -13.78 -15.55
N SER B 254 23.61 -12.47 -15.63
CA SER B 254 23.41 -11.62 -14.47
C SER B 254 21.93 -11.43 -14.15
N ILE B 255 21.10 -11.37 -15.19
CA ILE B 255 19.66 -11.24 -15.01
C ILE B 255 19.08 -12.53 -14.42
N TRP B 256 19.58 -13.69 -14.87
CA TRP B 256 19.06 -14.97 -14.42
C TRP B 256 19.41 -15.23 -12.95
N ASN B 257 20.67 -15.06 -12.59
CA ASN B 257 21.13 -15.33 -11.23
C ASN B 257 21.11 -14.07 -10.35
N ASN B 258 19.95 -13.42 -10.29
CA ASN B 258 19.74 -12.26 -9.45
C ASN B 258 18.72 -12.61 -8.38
N ARG B 259 18.89 -12.03 -7.18
CA ARG B 259 18.08 -12.47 -6.05
C ARG B 259 16.67 -11.88 -6.06
N TRP B 260 16.47 -10.75 -6.73
CA TRP B 260 15.13 -10.15 -6.79
C TRP B 260 14.30 -10.66 -7.98
N LEU B 261 14.85 -11.55 -8.80
CA LEU B 261 14.15 -12.10 -9.95
C LEU B 261 14.12 -13.63 -9.89
N ARG B 262 13.84 -14.18 -8.70
CA ARG B 262 13.90 -15.62 -8.52
C ARG B 262 12.73 -16.34 -9.18
N THR B 263 11.58 -15.69 -9.30
CA THR B 263 10.39 -16.30 -9.90
C THR B 263 9.99 -15.65 -11.21
N ILE B 264 10.85 -14.82 -11.80
CA ILE B 264 10.55 -14.10 -13.03
C ILE B 264 11.15 -14.87 -14.19
N SER B 265 10.34 -15.10 -15.22
CA SER B 265 10.74 -15.84 -16.41
C SER B 265 10.98 -14.89 -17.57
N VAL B 266 11.77 -15.35 -18.54
CA VAL B 266 12.29 -14.50 -19.60
C VAL B 266 11.79 -15.00 -20.95
N ILE B 267 11.18 -14.10 -21.72
CA ILE B 267 10.88 -14.36 -23.13
C ILE B 267 12.03 -13.81 -23.95
N LEU B 268 12.69 -14.70 -24.71
CA LEU B 268 13.88 -14.34 -25.45
C LEU B 268 13.57 -14.12 -26.93
N PHE B 269 14.19 -13.11 -27.52
CA PHE B 269 14.06 -12.80 -28.94
C PHE B 269 15.44 -12.73 -29.57
N LEU B 270 15.62 -13.43 -30.68
CA LEU B 270 16.85 -13.40 -31.46
C LEU B 270 16.49 -12.83 -32.83
N ASN B 271 16.52 -11.51 -32.96
CA ASN B 271 16.13 -10.87 -34.20
C ASN B 271 17.35 -10.64 -35.08
N LYS B 272 17.15 -9.89 -36.17
CA LYS B 272 18.11 -9.69 -37.25
C LYS B 272 18.60 -11.02 -37.81
N GLN B 273 17.66 -11.93 -38.07
CA GLN B 273 17.98 -13.15 -38.80
C GLN B 273 18.20 -12.88 -40.28
N ASP B 274 17.68 -11.76 -40.79
CA ASP B 274 17.96 -11.35 -42.17
C ASP B 274 19.43 -11.03 -42.37
N LEU B 275 20.09 -10.49 -41.34
CA LEU B 275 21.52 -10.23 -41.42
C LEU B 275 22.37 -11.45 -41.07
N LEU B 276 21.80 -12.43 -40.38
CA LEU B 276 22.55 -13.64 -40.03
C LEU B 276 22.69 -14.58 -41.22
N ALA B 277 21.68 -14.62 -42.10
CA ALA B 277 21.72 -15.53 -43.24
C ALA B 277 22.75 -15.08 -44.28
N GLU B 278 22.82 -13.78 -44.55
CA GLU B 278 23.79 -13.26 -45.50
C GLU B 278 25.21 -13.23 -44.96
N LYS B 279 25.42 -13.52 -43.69
CA LYS B 279 26.74 -13.50 -43.07
C LYS B 279 27.37 -14.88 -42.93
N VAL B 280 26.58 -15.91 -42.67
CA VAL B 280 27.13 -17.26 -42.54
C VAL B 280 27.51 -17.82 -43.91
N LEU B 281 26.52 -18.00 -44.78
CA LEU B 281 26.83 -18.39 -46.15
C LEU B 281 27.30 -17.18 -46.94
N ALA B 282 28.14 -17.45 -47.96
CA ALA B 282 28.64 -16.47 -48.93
C ALA B 282 29.35 -15.30 -48.26
N GLY B 283 30.19 -15.60 -47.28
CA GLY B 283 30.83 -14.53 -46.54
C GLY B 283 32.17 -14.87 -45.94
N LYS B 284 32.68 -13.97 -45.11
CA LYS B 284 34.02 -14.07 -44.53
C LYS B 284 33.99 -14.19 -43.01
N SER B 285 32.86 -14.60 -42.43
CA SER B 285 32.71 -14.54 -40.98
C SER B 285 33.38 -15.72 -40.28
N LYS B 286 32.92 -16.95 -40.58
CA LYS B 286 33.49 -18.21 -40.08
C LYS B 286 33.46 -18.27 -38.55
N ILE B 287 32.24 -18.45 -38.03
CA ILE B 287 31.85 -18.51 -36.61
C ILE B 287 32.80 -19.32 -35.73
N GLU B 288 33.39 -20.39 -36.31
CA GLU B 288 34.40 -21.20 -35.61
C GLU B 288 35.62 -20.39 -35.14
N ASP B 289 35.91 -19.27 -35.81
CA ASP B 289 37.01 -18.41 -35.37
C ASP B 289 36.65 -17.69 -34.06
N TYR B 290 35.47 -17.05 -34.02
CA TYR B 290 35.11 -16.24 -32.87
C TYR B 290 34.64 -17.09 -31.69
N PHE B 291 34.12 -18.29 -31.94
CA PHE B 291 33.73 -19.20 -30.89
C PHE B 291 34.42 -20.55 -31.09
N PRO B 292 35.19 -21.04 -30.12
CA PRO B 292 35.99 -22.25 -30.35
C PRO B 292 35.26 -23.55 -30.08
N GLU B 293 33.93 -23.51 -29.96
CA GLU B 293 33.17 -24.72 -29.71
C GLU B 293 32.04 -24.90 -30.73
N PHE B 294 31.91 -24.00 -31.71
CA PHE B 294 30.99 -24.22 -32.82
C PHE B 294 31.49 -25.32 -33.76
N ALA B 295 32.78 -25.65 -33.71
CA ALA B 295 33.41 -26.49 -34.73
C ALA B 295 32.87 -27.92 -34.74
N ARG B 296 32.56 -28.49 -33.57
CA ARG B 296 32.05 -29.86 -33.58
C ARG B 296 30.53 -29.90 -33.86
N TYR B 297 29.71 -29.48 -32.90
CA TYR B 297 28.30 -29.02 -32.96
C TYR B 297 27.40 -29.65 -34.02
N THR B 298 27.04 -30.93 -33.87
CA THR B 298 26.00 -31.48 -34.73
C THR B 298 24.66 -30.77 -34.50
N THR B 299 23.87 -30.67 -35.56
CA THR B 299 22.58 -30.02 -35.50
C THR B 299 21.63 -30.83 -34.60
N PRO B 300 20.92 -30.18 -33.68
CA PRO B 300 20.00 -30.91 -32.79
C PRO B 300 18.83 -31.53 -33.54
N GLU B 301 18.30 -32.60 -32.95
CA GLU B 301 17.27 -33.41 -33.57
C GLU B 301 15.90 -32.77 -33.52
N ASP B 302 15.69 -31.79 -32.63
CA ASP B 302 14.41 -31.11 -32.50
C ASP B 302 14.30 -29.88 -33.40
N ALA B 303 15.25 -29.69 -34.31
CA ALA B 303 15.25 -28.53 -35.19
C ALA B 303 14.17 -28.67 -36.25
N THR B 304 13.36 -27.62 -36.40
CA THR B 304 12.33 -27.54 -37.43
C THR B 304 12.74 -26.40 -38.37
N PRO B 305 13.52 -26.68 -39.41
CA PRO B 305 14.00 -25.61 -40.29
C PRO B 305 12.90 -25.05 -41.16
N GLU B 306 12.93 -23.74 -41.35
CA GLU B 306 12.04 -23.08 -42.30
C GLU B 306 12.40 -23.55 -43.71
N PRO B 307 11.42 -23.90 -44.54
CA PRO B 307 11.73 -24.61 -45.80
C PRO B 307 12.39 -23.69 -46.83
N GLY B 308 13.52 -24.15 -47.37
CA GLY B 308 14.26 -23.45 -48.39
C GLY B 308 15.64 -22.99 -47.97
N GLU B 309 15.95 -23.00 -46.67
CA GLU B 309 17.23 -22.52 -46.20
C GLU B 309 18.27 -23.64 -46.17
N ASP B 310 19.54 -23.25 -46.27
CA ASP B 310 20.64 -24.19 -46.24
C ASP B 310 20.80 -24.80 -44.85
N PRO B 311 21.42 -25.98 -44.74
CA PRO B 311 21.80 -26.50 -43.42
C PRO B 311 22.95 -25.74 -42.77
N ARG B 312 23.60 -24.82 -43.47
CA ARG B 312 24.69 -24.05 -42.87
C ARG B 312 24.15 -23.00 -41.91
N VAL B 313 23.10 -22.29 -42.31
CA VAL B 313 22.50 -21.29 -41.43
C VAL B 313 21.63 -21.94 -40.35
N THR B 314 21.27 -23.22 -40.51
CA THR B 314 20.51 -23.91 -39.49
C THR B 314 21.40 -24.43 -38.38
N ARG B 315 22.62 -24.85 -38.71
CA ARG B 315 23.60 -25.18 -37.68
C ARG B 315 24.10 -23.95 -36.97
N ALA B 316 24.05 -22.79 -37.63
CA ALA B 316 24.51 -21.54 -37.02
C ALA B 316 23.47 -20.96 -36.07
N LYS B 317 22.22 -20.83 -36.53
CA LYS B 317 21.21 -20.15 -35.74
C LYS B 317 20.68 -21.01 -34.59
N TYR B 318 20.94 -22.31 -34.61
CA TYR B 318 20.61 -23.16 -33.47
C TYR B 318 21.74 -23.26 -32.47
N PHE B 319 22.96 -22.85 -32.85
CA PHE B 319 24.06 -22.80 -31.90
C PHE B 319 23.94 -21.61 -30.97
N ILE B 320 23.49 -20.46 -31.51
CA ILE B 320 23.32 -19.27 -30.70
C ILE B 320 22.08 -19.39 -29.82
N ARG B 321 21.07 -20.13 -30.28
CA ARG B 321 19.88 -20.35 -29.47
C ARG B 321 20.18 -21.24 -28.27
N ASP B 322 21.02 -22.25 -28.45
CA ASP B 322 21.37 -23.16 -27.36
C ASP B 322 22.42 -22.59 -26.43
N GLU B 323 23.08 -21.48 -26.80
CA GLU B 323 24.04 -20.86 -25.89
C GLU B 323 23.33 -20.13 -24.76
N PHE B 324 22.11 -19.65 -25.01
CA PHE B 324 21.33 -19.02 -23.96
C PHE B 324 20.62 -20.05 -23.10
N LEU B 325 20.21 -21.18 -23.70
CA LEU B 325 19.53 -22.23 -22.97
C LEU B 325 20.44 -22.96 -21.99
N ARG B 326 21.76 -22.89 -22.20
CA ARG B 326 22.72 -23.50 -21.29
C ARG B 326 22.83 -22.78 -19.95
N ILE B 327 22.33 -21.54 -19.86
CA ILE B 327 22.39 -20.77 -18.63
C ILE B 327 21.04 -20.86 -17.93
N SER B 328 19.96 -20.95 -18.71
CA SER B 328 18.63 -21.04 -18.13
C SER B 328 18.37 -22.42 -17.55
N THR B 329 18.68 -23.48 -18.30
CA THR B 329 18.45 -24.84 -17.83
C THR B 329 19.64 -25.35 -17.00
N ALA B 330 20.11 -24.54 -16.06
CA ALA B 330 21.14 -24.98 -15.12
C ALA B 330 20.86 -24.58 -13.67
N SER B 331 20.07 -23.55 -13.42
CA SER B 331 19.75 -23.16 -12.04
C SER B 331 18.31 -22.71 -11.87
N GLY B 332 17.41 -23.12 -12.78
CA GLY B 332 16.05 -22.60 -12.73
C GLY B 332 15.20 -23.18 -11.62
N ASP B 333 15.38 -24.48 -11.31
CA ASP B 333 14.72 -25.19 -10.20
C ASP B 333 13.20 -25.19 -10.32
N GLY B 334 12.68 -25.12 -11.55
CA GLY B 334 11.25 -25.14 -11.77
C GLY B 334 10.52 -23.86 -11.46
N ARG B 335 11.21 -22.81 -11.01
CA ARG B 335 10.55 -21.57 -10.65
C ARG B 335 10.32 -20.65 -11.85
N HIS B 336 11.14 -20.76 -12.89
CA HIS B 336 11.07 -19.87 -14.04
C HIS B 336 11.82 -20.49 -15.20
N TYR B 337 11.42 -20.13 -16.42
CA TYR B 337 11.86 -20.79 -17.63
C TYR B 337 12.05 -19.78 -18.75
N CYS B 338 12.99 -20.07 -19.65
CA CYS B 338 13.24 -19.24 -20.81
C CYS B 338 12.39 -19.70 -21.99
N TYR B 339 12.08 -18.77 -22.89
CA TYR B 339 11.22 -19.04 -24.04
C TYR B 339 11.82 -18.40 -25.29
N PRO B 340 12.66 -19.14 -26.02
CA PRO B 340 13.34 -18.55 -27.18
C PRO B 340 12.44 -18.44 -28.40
N HIS B 341 12.82 -17.53 -29.30
CA HIS B 341 12.12 -17.32 -30.56
C HIS B 341 13.12 -16.95 -31.64
N PHE B 342 12.62 -16.90 -32.88
CA PHE B 342 13.37 -16.46 -34.04
C PHE B 342 12.50 -15.48 -34.81
N THR B 343 13.03 -14.28 -35.07
CA THR B 343 12.25 -13.27 -35.77
C THR B 343 13.18 -12.40 -36.60
N CYS B 344 12.56 -11.49 -37.36
CA CYS B 344 13.29 -10.55 -38.20
C CYS B 344 12.62 -9.20 -38.10
N ALA B 345 12.97 -8.29 -39.02
CA ALA B 345 12.47 -6.92 -38.93
C ALA B 345 11.10 -6.76 -39.58
N VAL B 346 10.80 -7.53 -40.63
CA VAL B 346 9.53 -7.40 -41.33
C VAL B 346 8.50 -8.42 -40.89
N ASP B 347 8.82 -9.23 -39.89
CA ASP B 347 7.87 -10.20 -39.37
C ASP B 347 6.90 -9.53 -38.42
N THR B 348 5.60 -9.73 -38.64
CA THR B 348 4.56 -9.17 -37.78
C THR B 348 3.73 -10.30 -37.17
N GLU B 349 4.29 -10.89 -36.11
CA GLU B 349 3.56 -11.89 -35.34
C GLU B 349 3.86 -11.81 -33.86
N ASN B 350 4.63 -10.83 -33.38
CA ASN B 350 5.24 -10.89 -32.06
C ASN B 350 4.29 -10.55 -30.93
N ILE B 351 3.11 -10.00 -31.22
CA ILE B 351 2.14 -9.81 -30.14
C ILE B 351 1.46 -11.13 -29.79
N ARG B 352 1.34 -12.05 -30.75
CA ARG B 352 0.74 -13.35 -30.48
C ARG B 352 1.69 -14.26 -29.71
N ARG B 353 2.99 -14.11 -29.93
CA ARG B 353 3.97 -14.95 -29.24
C ARG B 353 4.32 -14.43 -27.86
N VAL B 354 3.80 -13.27 -27.47
CA VAL B 354 3.87 -12.80 -26.09
C VAL B 354 2.59 -13.13 -25.35
N PHE B 355 1.45 -13.04 -26.04
CA PHE B 355 0.16 -13.44 -25.48
C PHE B 355 0.12 -14.93 -25.15
N ASN B 356 0.71 -15.76 -26.01
CA ASN B 356 0.71 -17.20 -25.76
C ASN B 356 1.70 -17.59 -24.67
N ASP B 357 2.83 -16.90 -24.57
CA ASP B 357 3.80 -17.25 -23.53
C ASP B 357 3.36 -16.79 -22.15
N CYS B 358 2.67 -15.64 -22.05
CA CYS B 358 2.18 -15.17 -20.75
C CYS B 358 1.07 -16.08 -20.20
N ARG B 359 0.36 -16.80 -21.07
CA ARG B 359 -0.57 -17.82 -20.60
C ARG B 359 0.17 -19.06 -20.10
N ASP B 360 1.26 -19.45 -20.78
CA ASP B 360 2.01 -20.62 -20.34
C ASP B 360 2.85 -20.35 -19.10
N ILE B 361 3.13 -19.09 -18.78
CA ILE B 361 3.86 -18.78 -17.56
C ILE B 361 2.95 -18.94 -16.35
N ILE B 362 1.70 -18.52 -16.48
CA ILE B 362 0.77 -18.51 -15.35
C ILE B 362 0.24 -19.91 -15.07
N GLN B 363 -0.01 -20.69 -16.13
CA GLN B 363 -0.44 -22.09 -15.96
C GLN B 363 0.64 -22.93 -15.31
N ARG B 364 1.90 -22.74 -15.70
CA ARG B 364 3.01 -23.51 -15.15
C ARG B 364 3.34 -23.14 -13.71
N MET B 365 2.82 -22.01 -13.21
CA MET B 365 3.08 -21.56 -11.85
C MET B 365 2.01 -22.06 -10.89
N HIS B 366 0.75 -22.11 -11.32
CA HIS B 366 -0.31 -22.65 -10.48
C HIS B 366 -0.29 -24.17 -10.45
N LEU B 367 0.15 -24.81 -11.54
CA LEU B 367 0.28 -26.26 -11.56
C LEU B 367 1.40 -26.74 -10.64
N ARG B 368 2.40 -25.90 -10.39
CA ARG B 368 3.51 -26.30 -9.52
C ARG B 368 3.10 -26.32 -8.05
N GLN B 369 2.24 -25.38 -7.63
CA GLN B 369 1.86 -25.30 -6.23
C GLN B 369 0.69 -26.22 -5.87
N TYR B 370 0.05 -26.84 -6.86
CA TYR B 370 -0.95 -27.87 -6.58
C TYR B 370 -0.34 -29.27 -6.59
N GLU B 371 0.98 -29.36 -6.76
CA GLU B 371 1.73 -30.61 -6.91
C GLU B 371 1.19 -31.49 -8.03
N LEU B 372 0.86 -30.87 -9.16
CA LEU B 372 0.55 -31.59 -10.38
C LEU B 372 1.70 -31.56 -11.39
N LEU B 373 2.82 -30.95 -11.04
CA LEU B 373 3.92 -30.74 -11.96
C LEU B 373 5.22 -30.58 -11.18
N GLU C 20 51.44 12.39 -15.38
CA GLU C 20 51.18 11.55 -16.54
C GLU C 20 50.37 10.33 -16.16
N LEU C 21 49.43 10.53 -15.22
CA LEU C 21 48.47 9.55 -14.71
C LEU C 21 49.11 8.32 -14.05
N ASP C 22 50.41 8.39 -13.76
CA ASP C 22 51.11 7.31 -13.07
C ASP C 22 51.98 7.90 -11.96
N GLN C 23 52.41 9.15 -12.15
CA GLN C 23 53.22 9.86 -11.16
C GLN C 23 52.39 10.78 -10.28
N LEU C 24 51.31 11.35 -10.80
CA LEU C 24 50.45 12.21 -9.99
C LEU C 24 49.45 11.41 -9.17
N ARG C 25 49.14 10.18 -9.57
CA ARG C 25 48.39 9.27 -8.71
C ARG C 25 49.31 8.44 -7.81
N GLN C 26 50.61 8.73 -7.83
CA GLN C 26 51.54 8.30 -6.80
C GLN C 26 51.53 9.26 -5.61
N GLU C 27 50.90 10.42 -5.77
CA GLU C 27 50.66 11.37 -4.70
C GLU C 27 49.30 11.12 -4.03
N ALA C 28 48.60 10.07 -4.45
CA ALA C 28 47.32 9.73 -3.82
C ALA C 28 47.54 9.06 -2.47
N GLU C 29 48.24 7.93 -2.45
CA GLU C 29 48.58 7.27 -1.20
C GLU C 29 49.70 7.98 -0.43
N GLN C 30 50.43 8.87 -1.10
CA GLN C 30 51.33 9.77 -0.39
C GLN C 30 50.56 10.74 0.49
N LEU C 31 49.39 11.17 0.03
CA LEU C 31 48.54 12.11 0.76
C LEU C 31 47.48 11.43 1.60
N LYS C 32 47.00 10.25 1.19
CA LYS C 32 45.91 9.59 1.92
C LYS C 32 46.37 8.93 3.21
N ASN C 33 47.64 8.54 3.32
CA ASN C 33 48.14 8.04 4.59
C ASN C 33 48.45 9.15 5.59
N GLN C 34 48.44 10.41 5.17
CA GLN C 34 48.47 11.50 6.14
C GLN C 34 47.16 11.59 6.91
N ILE C 35 46.04 11.31 6.24
CA ILE C 35 44.75 11.32 6.91
C ILE C 35 44.58 10.09 7.78
N ARG C 36 45.05 8.94 7.30
CA ARG C 36 44.89 7.70 8.05
C ARG C 36 45.79 7.64 9.28
N ASP C 37 46.96 8.27 9.22
CA ASP C 37 47.87 8.32 10.37
C ASP C 37 47.70 9.61 11.17
N ALA C 38 46.57 10.29 11.01
CA ALA C 38 46.18 11.38 11.90
C ALA C 38 44.84 11.13 12.56
N ARG C 39 44.07 10.14 12.12
CA ARG C 39 42.93 9.65 12.87
C ARG C 39 43.32 8.63 13.92
N LYS C 40 44.57 8.16 13.90
CA LYS C 40 45.12 7.36 14.98
C LYS C 40 45.71 8.23 16.07
N ALA C 41 46.14 9.44 15.74
CA ALA C 41 46.67 10.35 16.75
C ALA C 41 45.55 10.94 17.59
N CYS C 42 44.41 11.27 16.97
CA CYS C 42 43.29 11.87 17.67
C CYS C 42 42.30 10.84 18.18
N ALA C 43 42.74 9.62 18.45
CA ALA C 43 41.90 8.58 19.03
C ALA C 43 42.53 8.14 20.35
N ASP C 44 41.94 8.60 21.46
CA ASP C 44 42.43 8.27 22.79
C ASP C 44 41.70 7.11 23.44
N ALA C 45 40.42 6.95 23.17
CA ALA C 45 39.62 5.89 23.80
C ALA C 45 38.51 5.51 22.84
N THR C 46 37.53 4.75 23.33
CA THR C 46 36.47 4.21 22.51
C THR C 46 35.13 4.55 23.19
N LEU C 47 34.08 4.67 22.38
CA LEU C 47 32.73 4.89 22.91
C LEU C 47 32.24 3.72 23.76
N SER C 48 32.77 2.52 23.56
CA SER C 48 32.44 1.36 24.38
C SER C 48 33.30 1.26 25.63
N GLN C 49 34.26 2.16 25.82
CA GLN C 49 35.06 2.20 27.05
C GLN C 49 34.61 3.28 28.00
N ILE C 50 33.78 4.22 27.55
CA ILE C 50 33.32 5.34 28.36
C ILE C 50 31.91 5.11 28.88
N THR C 51 31.04 4.50 28.07
CA THR C 51 29.68 4.19 28.48
C THR C 51 29.56 2.81 29.11
N ASN C 52 30.62 2.33 29.75
CA ASN C 52 30.59 1.01 30.39
C ASN C 52 29.87 1.08 31.73
N ASN C 53 30.08 2.15 32.49
CA ASN C 53 29.59 2.24 33.87
C ASN C 53 28.11 2.60 33.97
N ILE C 54 27.49 3.07 32.90
CA ILE C 54 26.09 3.47 32.99
C ILE C 54 25.19 2.26 32.77
N ASP C 55 23.95 2.36 33.25
CA ASP C 55 23.00 1.26 33.22
C ASP C 55 22.29 1.19 31.87
N PRO C 56 21.84 0.00 31.45
CA PRO C 56 21.11 -0.10 30.19
C PRO C 56 19.69 0.46 30.30
N VAL C 57 19.01 0.49 29.15
CA VAL C 57 17.64 0.96 29.10
C VAL C 57 16.65 -0.13 29.44
N GLY C 58 17.11 -1.36 29.67
CA GLY C 58 16.24 -2.47 30.00
C GLY C 58 15.60 -3.09 28.78
N ARG C 59 14.28 -3.17 28.79
CA ARG C 59 13.51 -3.70 27.65
C ARG C 59 12.51 -2.65 27.21
N ILE C 60 12.39 -2.48 25.89
CA ILE C 60 11.46 -1.53 25.31
C ILE C 60 10.34 -2.32 24.66
N GLN C 61 9.10 -2.07 25.08
CA GLN C 61 7.93 -2.83 24.63
C GLN C 61 6.92 -1.85 24.03
N MET C 62 6.99 -1.68 22.72
CA MET C 62 6.05 -0.83 21.99
C MET C 62 4.93 -1.67 21.41
N ARG C 63 3.75 -1.06 21.31
CA ARG C 63 2.59 -1.73 20.75
C ARG C 63 2.06 -0.97 19.55
N THR C 64 1.35 -1.68 18.69
CA THR C 64 0.72 -1.08 17.52
C THR C 64 -0.57 -0.39 17.93
N ARG C 65 -0.62 0.93 17.76
CA ARG C 65 -1.81 1.70 18.11
C ARG C 65 -2.72 1.96 16.92
N ARG C 66 -2.16 2.23 15.74
CA ARG C 66 -2.95 2.50 14.55
C ARG C 66 -2.46 1.64 13.40
N THR C 67 -3.34 1.44 12.42
CA THR C 67 -3.00 0.76 11.18
C THR C 67 -3.74 1.45 10.05
N LEU C 68 -2.98 1.94 9.06
CA LEU C 68 -3.54 2.71 7.96
C LEU C 68 -3.67 1.83 6.72
N ARG C 69 -4.86 1.82 6.12
CA ARG C 69 -5.21 0.91 5.04
C ARG C 69 -5.62 1.69 3.80
N GLY C 70 -5.18 1.21 2.63
CA GLY C 70 -5.68 1.78 1.39
C GLY C 70 -4.74 1.96 0.22
N HIS C 71 -3.46 1.57 0.35
CA HIS C 71 -2.52 1.82 -0.73
C HIS C 71 -2.57 0.79 -1.85
N LEU C 72 -2.96 -0.45 -1.58
CA LEU C 72 -3.18 -1.54 -2.54
C LEU C 72 -1.93 -1.97 -3.31
N ALA C 73 -0.75 -1.49 -2.94
CA ALA C 73 0.51 -1.90 -3.55
C ALA C 73 1.65 -1.54 -2.61
N LYS C 74 2.88 -1.80 -3.04
CA LYS C 74 4.05 -1.61 -2.20
C LYS C 74 4.28 -0.14 -1.85
N ILE C 75 4.73 0.11 -0.63
CA ILE C 75 4.99 1.46 -0.12
C ILE C 75 6.49 1.67 -0.10
N TYR C 76 6.95 2.79 -0.67
CA TYR C 76 8.37 3.06 -0.78
C TYR C 76 8.87 4.13 0.19
N ALA C 77 8.07 5.14 0.52
CA ALA C 77 8.56 6.24 1.33
C ALA C 77 7.43 6.90 2.09
N MET C 78 7.77 7.46 3.26
CA MET C 78 6.87 8.30 4.02
C MET C 78 7.67 9.44 4.66
N HIS C 79 6.95 10.48 5.09
CA HIS C 79 7.58 11.58 5.81
C HIS C 79 6.58 12.19 6.77
N TRP C 80 7.01 12.40 8.02
CA TRP C 80 6.16 13.03 9.03
C TRP C 80 6.04 14.52 8.77
N GLY C 81 4.85 15.05 9.03
CA GLY C 81 4.67 16.49 9.08
C GLY C 81 5.30 17.09 10.31
N THR C 82 5.43 18.41 10.31
CA THR C 82 6.13 19.11 11.37
C THR C 82 5.26 19.40 12.59
N ASP C 83 3.94 19.17 12.51
CA ASP C 83 3.06 19.32 13.65
C ASP C 83 2.79 18.00 14.36
N SER C 84 3.49 16.92 13.95
CA SER C 84 3.43 15.58 14.54
C SER C 84 2.03 14.97 14.46
N ARG C 85 1.24 15.39 13.49
CA ARG C 85 -0.07 14.79 13.28
C ARG C 85 -0.32 14.36 11.83
N LEU C 86 0.17 15.14 10.87
CA LEU C 86 0.00 14.80 9.46
C LEU C 86 1.19 13.99 8.96
N LEU C 87 0.94 13.14 7.97
CA LEU C 87 2.02 12.45 7.28
C LEU C 87 1.61 12.21 5.84
N VAL C 88 2.61 12.03 4.99
CA VAL C 88 2.45 11.70 3.58
C VAL C 88 3.13 10.36 3.34
N SER C 89 2.61 9.58 2.40
CA SER C 89 3.22 8.31 2.02
C SER C 89 3.09 8.12 0.52
N ALA C 90 4.03 7.37 -0.04
CA ALA C 90 4.12 7.15 -1.49
C ALA C 90 4.07 5.66 -1.79
N SER C 91 3.28 5.29 -2.79
CA SER C 91 3.16 3.88 -3.17
C SER C 91 3.26 3.75 -4.67
N GLN C 92 3.60 2.54 -5.13
CA GLN C 92 3.82 2.25 -6.53
C GLN C 92 2.54 1.87 -7.25
N ASP C 93 1.38 2.18 -6.70
CA ASP C 93 0.14 2.14 -7.44
C ASP C 93 -0.21 3.49 -8.06
N GLY C 94 0.65 4.49 -7.88
CA GLY C 94 0.44 5.81 -8.45
C GLY C 94 -0.43 6.70 -7.60
N LYS C 95 -0.31 6.62 -6.27
CA LYS C 95 -1.14 7.40 -5.37
C LYS C 95 -0.28 7.99 -4.26
N LEU C 96 -0.58 9.23 -3.90
CA LEU C 96 0.05 9.94 -2.79
C LEU C 96 -1.06 10.33 -1.82
N ILE C 97 -0.96 9.84 -0.58
CA ILE C 97 -2.03 9.98 0.40
C ILE C 97 -1.52 10.77 1.59
N ILE C 98 -2.29 11.79 1.99
CA ILE C 98 -2.07 12.51 3.24
C ILE C 98 -2.99 11.89 4.30
N TRP C 99 -2.42 11.50 5.43
CA TRP C 99 -3.17 10.88 6.50
C TRP C 99 -3.31 11.81 7.71
N ASP C 100 -4.39 11.61 8.45
CA ASP C 100 -4.58 12.22 9.77
C ASP C 100 -4.34 11.10 10.78
N SER C 101 -3.17 11.12 11.44
CA SER C 101 -2.72 9.97 12.20
C SER C 101 -3.49 9.76 13.50
N TYR C 102 -4.16 10.78 14.02
CA TYR C 102 -4.89 10.61 15.28
C TYR C 102 -6.18 9.81 15.07
N THR C 103 -6.88 10.07 13.96
CA THR C 103 -8.19 9.48 13.72
C THR C 103 -8.22 8.52 12.54
N THR C 104 -7.07 8.31 11.87
CA THR C 104 -6.94 7.50 10.64
C THR C 104 -7.87 7.98 9.53
N ASN C 105 -8.03 9.29 9.41
CA ASN C 105 -8.77 9.87 8.29
C ASN C 105 -7.84 10.12 7.12
N LYS C 106 -8.43 10.21 5.93
CA LYS C 106 -7.71 10.57 4.71
C LYS C 106 -8.03 12.01 4.36
N VAL C 107 -7.01 12.85 4.26
CA VAL C 107 -7.20 14.25 3.94
C VAL C 107 -7.16 14.49 2.43
N HIS C 108 -6.13 13.97 1.76
CA HIS C 108 -5.99 14.12 0.32
C HIS C 108 -5.51 12.82 -0.30
N ALA C 109 -5.88 12.61 -1.55
CA ALA C 109 -5.34 11.54 -2.38
C ALA C 109 -4.96 12.13 -3.72
N ILE C 110 -3.66 12.06 -4.06
CA ILE C 110 -3.11 12.75 -5.21
C ILE C 110 -2.62 11.72 -6.22
N PRO C 111 -3.12 11.71 -7.45
CA PRO C 111 -2.57 10.80 -8.47
C PRO C 111 -1.32 11.38 -9.09
N LEU C 112 -0.39 10.48 -9.44
CA LEU C 112 0.86 10.83 -10.08
C LEU C 112 0.85 10.36 -11.54
N ARG C 113 1.73 10.94 -12.35
CA ARG C 113 1.82 10.55 -13.74
C ARG C 113 2.65 9.29 -13.93
N SER C 114 3.69 9.11 -13.14
CA SER C 114 4.53 7.92 -13.18
C SER C 114 4.24 7.05 -11.97
N SER C 115 4.00 5.75 -12.20
CA SER C 115 3.75 4.83 -11.10
C SER C 115 5.01 4.52 -10.30
N TRP C 116 6.18 4.67 -10.91
CA TRP C 116 7.44 4.30 -10.26
C TRP C 116 7.95 5.50 -9.49
N VAL C 117 7.53 5.60 -8.23
CA VAL C 117 7.96 6.67 -7.32
C VAL C 117 8.89 6.04 -6.29
N MET C 118 9.92 6.78 -5.89
CA MET C 118 10.91 6.27 -4.95
C MET C 118 11.10 7.11 -3.71
N THR C 119 10.56 8.33 -3.66
CA THR C 119 10.74 9.20 -2.50
C THR C 119 9.61 10.21 -2.43
N CYS C 120 9.45 10.80 -1.24
CA CYS C 120 8.49 11.88 -1.03
C CYS C 120 8.95 12.72 0.15
N ALA C 121 8.45 13.95 0.22
CA ALA C 121 8.85 14.88 1.27
C ALA C 121 7.70 15.81 1.61
N TYR C 122 7.64 16.23 2.87
CA TYR C 122 6.65 17.17 3.36
C TYR C 122 7.34 18.46 3.75
N ALA C 123 6.82 19.59 3.27
CA ALA C 123 7.46 20.87 3.50
C ALA C 123 7.25 21.34 4.94
N PRO C 124 8.23 22.01 5.55
CA PRO C 124 8.09 22.43 6.96
C PRO C 124 7.02 23.49 7.21
N SER C 125 6.53 24.17 6.19
CA SER C 125 5.42 25.10 6.37
C SER C 125 4.06 24.43 6.27
N GLY C 126 3.99 23.25 5.64
CA GLY C 126 2.74 22.55 5.48
C GLY C 126 2.05 22.79 4.16
N ASN C 127 2.58 23.66 3.31
CA ASN C 127 1.90 24.05 2.08
C ASN C 127 2.23 23.17 0.88
N TYR C 128 3.37 22.48 0.88
CA TYR C 128 3.85 21.78 -0.31
C TYR C 128 4.22 20.34 0.00
N VAL C 129 4.18 19.52 -1.04
CA VAL C 129 4.56 18.11 -0.99
C VAL C 129 5.33 17.79 -2.28
N ALA C 130 6.50 17.17 -2.15
CA ALA C 130 7.32 16.76 -3.29
C ALA C 130 7.36 15.25 -3.40
N CYS C 131 7.63 14.75 -4.61
CA CYS C 131 7.82 13.32 -4.85
C CYS C 131 8.66 13.10 -6.10
N GLY C 132 9.48 12.05 -6.09
CA GLY C 132 10.37 11.75 -7.20
C GLY C 132 10.09 10.44 -7.90
N GLY C 133 11.14 9.69 -8.25
CA GLY C 133 10.95 8.37 -8.83
C GLY C 133 11.87 7.98 -9.99
N LEU C 134 11.39 7.05 -10.82
CA LEU C 134 12.19 6.55 -11.95
C LEU C 134 12.14 7.46 -13.16
N ASP C 135 11.16 8.36 -13.24
CA ASP C 135 11.31 9.50 -14.11
C ASP C 135 12.39 10.42 -13.55
N ASN C 136 12.98 11.23 -14.42
CA ASN C 136 14.10 12.06 -13.99
C ASN C 136 13.66 13.43 -13.49
N ILE C 137 12.38 13.63 -13.21
CA ILE C 137 11.86 14.94 -12.80
C ILE C 137 11.29 14.84 -11.39
N CYS C 138 11.39 15.96 -10.66
CA CYS C 138 10.90 16.08 -9.29
C CYS C 138 9.71 17.03 -9.28
N SER C 139 8.53 16.51 -8.93
CA SER C 139 7.31 17.29 -8.99
C SER C 139 7.01 17.93 -7.63
N ILE C 140 6.47 19.14 -7.67
CA ILE C 140 6.08 19.89 -6.48
C ILE C 140 4.57 20.09 -6.53
N TYR C 141 3.89 19.81 -5.43
CA TYR C 141 2.43 19.88 -5.36
C TYR C 141 2.00 20.93 -4.36
N ASN C 142 0.94 21.66 -4.70
CA ASN C 142 0.42 22.75 -3.88
C ASN C 142 -0.84 22.28 -3.17
N LEU C 143 -0.84 22.37 -1.83
CA LEU C 143 -1.93 21.87 -1.02
C LEU C 143 -3.00 22.92 -0.75
N LYS C 144 -2.60 24.12 -0.38
CA LYS C 144 -3.55 25.20 -0.05
C LYS C 144 -3.83 26.01 -1.30
N THR C 145 -4.85 25.61 -2.05
CA THR C 145 -5.26 26.30 -3.26
C THR C 145 -6.65 26.90 -3.04
N ARG C 146 -6.94 27.95 -3.80
CA ARG C 146 -8.25 28.59 -3.72
C ARG C 146 -9.34 27.72 -4.33
N GLU C 147 -9.04 26.99 -5.39
CA GLU C 147 -10.06 26.26 -6.15
C GLU C 147 -10.47 24.96 -5.50
N GLY C 148 -9.82 24.52 -4.42
CA GLY C 148 -10.29 23.42 -3.61
C GLY C 148 -9.50 22.14 -3.75
N ASN C 149 -8.81 21.93 -4.85
CA ASN C 149 -8.10 20.69 -5.13
C ASN C 149 -6.59 20.89 -5.02
N VAL C 150 -5.85 19.81 -5.28
CA VAL C 150 -4.40 19.80 -5.23
C VAL C 150 -3.87 19.78 -6.65
N ARG C 151 -2.98 20.71 -6.96
CA ARG C 151 -2.41 20.83 -8.29
C ARG C 151 -0.90 20.72 -8.21
N VAL C 152 -0.28 20.36 -9.33
CA VAL C 152 1.18 20.39 -9.45
C VAL C 152 1.60 21.80 -9.87
N SER C 153 2.59 22.34 -9.17
CA SER C 153 3.01 23.72 -9.41
C SER C 153 4.20 23.83 -10.34
N ARG C 154 5.21 22.96 -10.19
CA ARG C 154 6.35 22.96 -11.09
C ARG C 154 7.02 21.60 -11.07
N GLU C 155 7.53 21.19 -12.23
CA GLU C 155 8.34 19.98 -12.36
C GLU C 155 9.80 20.39 -12.59
N LEU C 156 10.69 19.82 -11.80
CA LEU C 156 12.11 20.18 -11.83
C LEU C 156 12.86 19.15 -12.66
N ALA C 157 13.20 19.53 -13.89
CA ALA C 157 13.95 18.68 -14.81
C ALA C 157 15.40 19.12 -14.90
N GLY C 158 16.28 18.16 -15.17
CA GLY C 158 17.70 18.46 -15.25
C GLY C 158 18.62 17.36 -14.75
N HIS C 159 18.05 16.32 -14.15
CA HIS C 159 18.82 15.15 -13.76
C HIS C 159 18.83 14.12 -14.89
N THR C 160 19.88 13.29 -14.90
CA THR C 160 20.02 12.27 -15.92
C THR C 160 20.03 10.88 -15.29
N GLY C 161 19.10 10.67 -14.37
CA GLY C 161 18.97 9.39 -13.70
C GLY C 161 17.79 9.45 -12.76
N TYR C 162 17.55 8.33 -12.08
CA TYR C 162 16.42 8.26 -11.15
C TYR C 162 16.70 9.08 -9.90
N LEU C 163 15.61 9.60 -9.32
CA LEU C 163 15.69 10.35 -8.08
C LEU C 163 15.50 9.41 -6.89
N SER C 164 16.35 9.57 -5.87
CA SER C 164 16.30 8.69 -4.71
C SER C 164 15.87 9.36 -3.42
N CYS C 165 16.10 10.66 -3.25
CA CYS C 165 15.72 11.36 -2.03
C CYS C 165 15.64 12.86 -2.30
N CYS C 166 14.81 13.54 -1.50
CA CYS C 166 14.64 14.98 -1.61
C CYS C 166 14.13 15.53 -0.29
N ARG C 167 14.60 16.72 0.09
CA ARG C 167 14.20 17.38 1.33
C ARG C 167 14.06 18.88 1.11
N PHE C 168 12.99 19.46 1.64
CA PHE C 168 12.77 20.89 1.56
C PHE C 168 13.66 21.64 2.56
N LEU C 169 14.09 22.83 2.16
CA LEU C 169 14.72 23.77 3.08
C LEU C 169 13.75 24.84 3.57
N ASP C 170 13.01 25.44 2.64
CA ASP C 170 11.87 26.30 2.93
C ASP C 170 10.90 26.14 1.77
N ASP C 171 9.99 27.11 1.62
CA ASP C 171 9.02 27.06 0.54
C ASP C 171 9.61 27.34 -0.84
N ASN C 172 10.91 27.66 -0.94
CA ASN C 172 11.51 28.01 -2.22
C ASN C 172 12.80 27.28 -2.55
N GLN C 173 13.32 26.44 -1.65
CA GLN C 173 14.57 25.74 -1.89
C GLN C 173 14.41 24.27 -1.51
N ILE C 174 14.85 23.38 -2.41
CA ILE C 174 14.81 21.94 -2.17
C ILE C 174 16.13 21.34 -2.66
N VAL C 175 16.68 20.40 -1.88
CA VAL C 175 17.89 19.68 -2.26
C VAL C 175 17.47 18.25 -2.62
N THR C 176 18.24 17.61 -3.49
CA THR C 176 17.89 16.28 -3.97
C THR C 176 19.14 15.50 -4.37
N SER C 177 19.00 14.18 -4.39
CA SER C 177 20.05 13.26 -4.81
C SER C 177 19.53 12.43 -5.98
N SER C 178 20.45 11.79 -6.69
CA SER C 178 20.07 11.14 -7.94
C SER C 178 21.02 9.99 -8.24
N GLY C 179 20.58 9.15 -9.19
CA GLY C 179 21.36 8.02 -9.66
C GLY C 179 22.44 8.35 -10.67
N ASP C 180 22.53 9.61 -11.11
CA ASP C 180 23.62 10.05 -11.97
C ASP C 180 24.83 10.56 -11.18
N THR C 181 24.99 10.08 -9.94
CA THR C 181 26.13 10.27 -9.03
C THR C 181 26.28 11.70 -8.52
N THR C 182 25.26 12.55 -8.64
CA THR C 182 25.35 13.94 -8.22
C THR C 182 24.19 14.33 -7.32
N CYS C 183 24.38 15.41 -6.57
CA CYS C 183 23.35 16.07 -5.78
C CYS C 183 23.20 17.50 -6.29
N ALA C 184 21.99 18.06 -6.12
CA ALA C 184 21.68 19.36 -6.71
C ALA C 184 20.77 20.18 -5.79
N LEU C 185 21.07 21.47 -5.68
CA LEU C 185 20.23 22.44 -4.99
C LEU C 185 19.41 23.21 -6.01
N TRP C 186 18.12 23.42 -5.71
CA TRP C 186 17.19 23.97 -6.67
C TRP C 186 16.54 25.24 -6.14
N ASP C 187 16.18 26.13 -7.08
CA ASP C 187 15.36 27.29 -6.81
C ASP C 187 14.00 27.06 -7.44
N ILE C 188 12.96 26.97 -6.61
CA ILE C 188 11.68 26.44 -7.09
C ILE C 188 10.91 27.46 -7.93
N GLU C 189 10.99 28.75 -7.60
CA GLU C 189 10.12 29.73 -8.28
C GLU C 189 10.56 29.99 -9.72
N THR C 190 11.85 29.83 -10.02
CA THR C 190 12.30 29.88 -11.41
C THR C 190 12.31 28.50 -12.05
N GLY C 191 12.73 27.49 -11.32
CA GLY C 191 12.79 26.14 -11.82
C GLY C 191 14.16 25.67 -12.27
N GLN C 192 15.23 26.29 -11.79
CA GLN C 192 16.56 26.06 -12.29
C GLN C 192 17.46 25.48 -11.21
N GLN C 193 18.54 24.85 -11.66
CA GLN C 193 19.58 24.36 -10.78
C GLN C 193 20.53 25.51 -10.43
N THR C 194 20.87 25.65 -9.15
CA THR C 194 21.78 26.70 -8.72
C THR C 194 23.13 26.18 -8.23
N THR C 195 23.17 24.99 -7.63
CA THR C 195 24.42 24.42 -7.16
C THR C 195 24.42 22.92 -7.46
N THR C 196 25.57 22.40 -7.85
CA THR C 196 25.73 20.98 -8.16
C THR C 196 26.87 20.43 -7.33
N PHE C 197 26.61 19.33 -6.63
CA PHE C 197 27.57 18.69 -5.73
C PHE C 197 28.08 17.43 -6.41
N THR C 198 29.33 17.46 -6.87
CA THR C 198 29.95 16.33 -7.55
C THR C 198 31.11 15.80 -6.71
N GLY C 199 31.45 14.53 -6.94
CA GLY C 199 32.53 13.90 -6.21
C GLY C 199 32.30 12.44 -5.89
N HIS C 200 31.05 11.99 -5.92
CA HIS C 200 30.77 10.59 -5.67
C HIS C 200 31.11 9.76 -6.90
N THR C 201 31.33 8.47 -6.67
CA THR C 201 31.61 7.51 -7.74
C THR C 201 30.38 6.75 -8.20
N GLY C 202 29.62 6.16 -7.28
CA GLY C 202 28.42 5.43 -7.60
C GLY C 202 27.15 6.23 -7.33
N ASP C 203 26.03 5.53 -7.43
CA ASP C 203 24.72 6.17 -7.27
C ASP C 203 24.51 6.62 -5.83
N VAL C 204 23.86 7.77 -5.67
CA VAL C 204 23.55 8.33 -4.35
C VAL C 204 22.15 7.87 -3.95
N MET C 205 22.04 7.30 -2.75
CA MET C 205 20.80 6.67 -2.32
C MET C 205 20.03 7.45 -1.26
N SER C 206 20.67 8.32 -0.49
CA SER C 206 20.00 8.95 0.63
C SER C 206 20.72 10.23 1.01
N LEU C 207 19.96 11.18 1.56
CA LEU C 207 20.52 12.40 2.11
C LEU C 207 19.82 12.73 3.41
N SER C 208 20.48 13.54 4.24
CA SER C 208 19.94 13.96 5.53
C SER C 208 20.34 15.40 5.79
N LEU C 209 19.36 16.25 6.07
CA LEU C 209 19.65 17.64 6.39
C LEU C 209 19.97 17.80 7.88
N ALA C 210 20.69 18.86 8.19
CA ALA C 210 21.01 19.20 9.57
C ALA C 210 19.81 19.89 10.21
N PRO C 211 19.77 19.98 11.55
CA PRO C 211 18.70 20.78 12.19
C PRO C 211 18.69 22.25 11.79
N ASP C 212 19.86 22.83 11.51
CA ASP C 212 19.95 24.12 10.82
C ASP C 212 20.35 23.84 9.38
N THR C 213 19.53 24.26 8.43
CA THR C 213 19.71 23.91 7.02
C THR C 213 20.91 24.67 6.45
N ARG C 214 22.09 24.21 6.82
CA ARG C 214 23.35 24.87 6.45
C ARG C 214 24.35 23.85 5.94
N LEU C 215 24.21 22.60 6.39
CA LEU C 215 25.03 21.48 5.95
C LEU C 215 24.12 20.28 5.74
N PHE C 216 24.56 19.34 4.91
CA PHE C 216 23.88 18.05 4.80
C PHE C 216 24.91 16.96 4.53
N VAL C 217 24.43 15.72 4.56
CA VAL C 217 25.29 14.55 4.43
C VAL C 217 24.57 13.57 3.49
N SER C 218 25.34 12.73 2.80
CA SER C 218 24.76 11.81 1.83
C SER C 218 25.66 10.60 1.66
N GLY C 219 25.05 9.42 1.60
CA GLY C 219 25.75 8.17 1.40
C GLY C 219 25.42 7.57 0.05
N ALA C 220 26.39 6.85 -0.54
CA ALA C 220 26.29 6.41 -1.92
C ALA C 220 26.71 4.95 -2.04
N CYS C 221 26.56 4.41 -3.25
CA CYS C 221 26.83 3.01 -3.55
C CYS C 221 28.32 2.69 -3.69
N ASP C 222 29.21 3.64 -3.45
CA ASP C 222 30.65 3.36 -3.40
C ASP C 222 31.13 3.14 -1.97
N ALA C 223 30.23 2.79 -1.05
CA ALA C 223 30.50 2.53 0.37
C ALA C 223 31.12 3.74 1.08
N SER C 224 30.74 4.94 0.68
CA SER C 224 31.27 6.15 1.28
C SER C 224 30.15 7.15 1.52
N ALA C 225 30.33 7.98 2.54
CA ALA C 225 29.44 9.09 2.83
C ALA C 225 30.27 10.34 3.06
N LYS C 226 29.74 11.49 2.63
CA LYS C 226 30.51 12.73 2.72
C LYS C 226 29.61 13.88 3.13
N LEU C 227 30.25 14.92 3.67
CA LEU C 227 29.59 16.08 4.26
C LEU C 227 29.73 17.29 3.34
N TRP C 228 28.61 17.94 3.05
CA TRP C 228 28.55 19.02 2.08
C TRP C 228 28.21 20.35 2.75
N ASP C 229 28.85 21.42 2.28
CA ASP C 229 28.46 22.78 2.64
C ASP C 229 27.46 23.28 1.61
N VAL C 230 26.33 23.81 2.09
CA VAL C 230 25.25 24.18 1.19
C VAL C 230 25.54 25.50 0.48
N ARG C 231 25.96 26.51 1.24
CA ARG C 231 26.13 27.85 0.66
C ARG C 231 27.36 27.92 -0.24
N GLU C 232 28.47 27.32 0.17
CA GLU C 232 29.67 27.31 -0.68
C GLU C 232 29.53 26.32 -1.82
N GLY C 233 29.37 25.04 -1.50
CA GLY C 233 29.10 24.04 -2.51
C GLY C 233 30.20 23.05 -2.77
N MET C 234 31.01 22.74 -1.75
CA MET C 234 32.10 21.81 -1.90
C MET C 234 32.05 20.74 -0.82
N CYS C 235 32.75 19.64 -1.08
CA CYS C 235 32.90 18.60 -0.07
C CYS C 235 33.90 19.03 0.99
N ARG C 236 33.66 18.62 2.23
CA ARG C 236 34.52 18.95 3.34
C ARG C 236 35.18 17.74 3.98
N GLN C 237 34.43 16.66 4.22
CA GLN C 237 34.95 15.47 4.86
C GLN C 237 34.39 14.24 4.17
N THR C 238 35.13 13.14 4.22
CA THR C 238 34.71 11.87 3.63
C THR C 238 34.93 10.75 4.64
N PHE C 239 33.94 9.87 4.77
CA PHE C 239 33.96 8.80 5.75
C PHE C 239 33.80 7.47 5.03
N THR C 240 34.82 6.62 5.10
CA THR C 240 34.81 5.30 4.48
C THR C 240 35.06 4.25 5.55
N GLY C 241 34.02 3.54 5.97
CA GLY C 241 34.21 2.41 6.86
C GLY C 241 33.42 1.17 6.48
N HIS C 242 32.47 1.32 5.55
CA HIS C 242 31.57 0.23 5.23
C HIS C 242 32.19 -0.71 4.19
N GLU C 243 31.45 -1.78 3.89
CA GLU C 243 31.92 -2.81 2.98
C GLU C 243 31.05 -2.97 1.74
N SER C 244 29.85 -2.38 1.73
CA SER C 244 28.95 -2.46 0.58
C SER C 244 28.14 -1.18 0.52
N ASP C 245 27.06 -1.20 -0.24
CA ASP C 245 26.28 -0.01 -0.56
C ASP C 245 25.55 0.53 0.66
N ILE C 246 25.52 1.86 0.78
CA ILE C 246 24.84 2.57 1.86
C ILE C 246 23.46 2.96 1.37
N ASN C 247 22.43 2.60 2.14
CA ASN C 247 21.04 2.85 1.75
C ASN C 247 20.32 3.88 2.61
N ALA C 248 20.84 4.22 3.78
CA ALA C 248 20.13 5.09 4.70
C ALA C 248 21.11 5.91 5.52
N ILE C 249 20.68 7.12 5.88
CA ILE C 249 21.51 8.04 6.67
C ILE C 249 20.58 8.96 7.47
N CYS C 250 21.06 9.43 8.62
CA CYS C 250 20.29 10.30 9.50
C CYS C 250 21.22 10.99 10.49
N PHE C 251 20.96 12.27 10.75
CA PHE C 251 21.73 13.03 11.74
C PHE C 251 21.32 12.72 13.18
N PHE C 252 22.30 12.76 14.07
CA PHE C 252 22.05 12.89 15.49
C PHE C 252 21.37 14.24 15.76
N PRO C 253 20.50 14.32 16.77
CA PRO C 253 19.83 15.61 17.05
C PRO C 253 20.75 16.72 17.53
N ASN C 254 21.95 16.39 18.01
CA ASN C 254 22.92 17.42 18.38
C ASN C 254 23.45 18.15 17.15
N GLY C 255 23.76 17.41 16.09
CA GLY C 255 24.38 17.98 14.91
C GLY C 255 25.87 17.72 14.78
N ASN C 256 26.42 16.79 15.56
CA ASN C 256 27.84 16.47 15.51
C ASN C 256 28.07 15.00 15.21
N ALA C 257 27.03 14.25 14.88
CA ALA C 257 27.15 12.84 14.55
C ALA C 257 26.06 12.46 13.58
N PHE C 258 26.28 11.37 12.84
CA PHE C 258 25.26 10.79 11.99
C PHE C 258 25.45 9.28 11.99
N ALA C 259 24.47 8.58 11.43
CA ALA C 259 24.48 7.12 11.42
C ALA C 259 24.00 6.61 10.08
N THR C 260 24.63 5.54 9.60
CA THR C 260 24.36 4.96 8.29
C THR C 260 23.88 3.53 8.43
N GLY C 261 23.29 3.01 7.35
CA GLY C 261 22.84 1.64 7.30
C GLY C 261 23.09 1.02 5.93
N SER C 262 23.72 -0.15 5.90
CA SER C 262 24.25 -0.69 4.65
C SER C 262 23.67 -2.07 4.36
N ASP C 263 24.20 -2.69 3.30
CA ASP C 263 23.76 -4.01 2.86
C ASP C 263 24.43 -5.15 3.60
N ASP C 264 25.57 -4.90 4.26
CA ASP C 264 26.34 -5.95 4.91
C ASP C 264 25.95 -6.17 6.36
N ALA C 265 24.69 -5.85 6.71
CA ALA C 265 24.09 -6.11 8.03
C ALA C 265 24.85 -5.42 9.17
N THR C 266 25.04 -4.11 9.01
CA THR C 266 25.81 -3.34 9.98
C THR C 266 25.38 -1.88 9.89
N CYS C 267 25.04 -1.28 11.03
CA CYS C 267 24.93 0.16 11.17
C CYS C 267 26.16 0.70 11.89
N ARG C 268 26.56 1.91 11.53
CA ARG C 268 27.73 2.54 12.11
C ARG C 268 27.39 3.97 12.52
N LEU C 269 28.15 4.51 13.45
CA LEU C 269 27.97 5.88 13.93
C LEU C 269 29.27 6.65 13.73
N PHE C 270 29.20 7.74 12.98
CA PHE C 270 30.36 8.54 12.63
C PHE C 270 30.34 9.88 13.37
N ASP C 271 31.52 10.47 13.51
CA ASP C 271 31.70 11.74 14.20
C ASP C 271 32.20 12.79 13.22
N LEU C 272 31.83 14.04 13.45
CA LEU C 272 32.25 15.13 12.58
C LEU C 272 33.53 15.79 13.06
N ARG C 273 33.59 16.19 14.33
CA ARG C 273 34.77 16.87 14.84
C ARG C 273 35.95 15.93 15.04
N ALA C 274 35.69 14.62 15.17
CA ALA C 274 36.76 13.64 15.21
C ALA C 274 37.08 13.06 13.84
N ASP C 275 36.11 13.11 12.90
CA ASP C 275 36.21 12.57 11.54
C ASP C 275 36.61 11.09 11.55
N GLN C 276 35.76 10.28 12.19
CA GLN C 276 36.12 8.92 12.50
C GLN C 276 34.86 8.11 12.79
N GLU C 277 34.99 6.80 12.66
CA GLU C 277 33.96 5.86 13.10
C GLU C 277 34.25 5.45 14.55
N LEU C 278 33.20 5.42 15.38
CA LEU C 278 33.40 5.09 16.78
C LEU C 278 32.40 4.08 17.35
N MET C 279 31.46 3.56 16.55
CA MET C 279 30.56 2.53 17.04
C MET C 279 30.00 1.76 15.84
N THR C 280 29.83 0.45 16.03
CA THR C 280 29.19 -0.42 15.05
C THR C 280 28.08 -1.22 15.74
N TYR C 281 26.99 -1.46 15.03
CA TYR C 281 25.78 -2.08 15.58
C TYR C 281 25.47 -3.33 14.79
N SER C 282 25.98 -4.47 15.23
CA SER C 282 25.79 -5.72 14.50
C SER C 282 25.54 -6.87 15.47
N HIS C 283 24.89 -7.91 14.96
CA HIS C 283 24.66 -9.14 15.70
C HIS C 283 24.84 -10.31 14.74
N ASP C 284 25.22 -11.46 15.29
CA ASP C 284 25.63 -12.59 14.47
C ASP C 284 24.46 -13.31 13.80
N ASN C 285 23.25 -13.18 14.34
CA ASN C 285 22.07 -13.82 13.77
C ASN C 285 21.37 -12.95 12.74
N ILE C 286 21.96 -11.83 12.35
CA ILE C 286 21.40 -10.93 11.34
C ILE C 286 22.38 -10.89 10.18
N ILE C 287 21.88 -11.19 8.97
CA ILE C 287 22.74 -11.28 7.79
C ILE C 287 22.20 -10.43 6.66
N CYS C 288 21.00 -9.90 6.81
CA CYS C 288 20.35 -9.15 5.75
C CYS C 288 20.58 -7.64 5.93
N GLY C 289 20.29 -6.89 4.87
CA GLY C 289 20.63 -5.48 4.85
C GLY C 289 19.64 -4.59 5.59
N ILE C 290 20.09 -3.37 5.86
CA ILE C 290 19.28 -2.34 6.52
C ILE C 290 18.68 -1.44 5.45
N THR C 291 17.37 -1.19 5.52
CA THR C 291 16.70 -0.35 4.54
C THR C 291 16.48 1.09 4.99
N SER C 292 16.34 1.33 6.30
CA SER C 292 16.05 2.67 6.80
C SER C 292 16.52 2.79 8.24
N VAL C 293 16.86 4.02 8.62
CA VAL C 293 17.47 4.35 9.92
C VAL C 293 16.89 5.68 10.40
N SER C 294 16.48 5.73 11.68
CA SER C 294 16.10 6.99 12.28
C SER C 294 16.56 7.04 13.73
N PHE C 295 16.48 8.22 14.32
CA PHE C 295 16.86 8.47 15.71
C PHE C 295 15.63 8.91 16.50
N SER C 296 15.67 8.65 17.80
CA SER C 296 14.73 9.28 18.73
C SER C 296 15.39 10.50 19.33
N LYS C 297 14.57 11.44 19.78
CA LYS C 297 15.12 12.64 20.39
C LYS C 297 15.73 12.32 21.75
N SER C 298 16.81 13.04 22.06
CA SER C 298 17.92 12.81 23.00
C SER C 298 18.91 11.78 22.48
N GLY C 299 18.64 11.11 21.37
CA GLY C 299 19.60 10.23 20.72
C GLY C 299 19.99 8.99 21.51
N ARG C 300 19.10 8.49 22.35
CA ARG C 300 19.40 7.27 23.11
C ARG C 300 19.01 6.03 22.33
N LEU C 301 17.93 6.09 21.57
CA LEU C 301 17.45 4.95 20.80
C LEU C 301 17.79 5.13 19.33
N LEU C 302 18.15 4.03 18.67
CA LEU C 302 18.50 4.03 17.25
C LEU C 302 17.68 2.94 16.56
N LEU C 303 16.70 3.33 15.77
CA LEU C 303 15.78 2.39 15.15
C LEU C 303 16.21 2.11 13.71
N ALA C 304 16.14 0.85 13.32
CA ALA C 304 16.58 0.42 12.00
C ALA C 304 15.58 -0.54 11.39
N GLY C 305 15.30 -0.37 10.10
CA GLY C 305 14.37 -1.23 9.40
C GLY C 305 15.06 -2.25 8.53
N TYR C 306 14.94 -3.52 8.90
CA TYR C 306 15.76 -4.57 8.31
C TYR C 306 15.02 -5.24 7.15
N ASP C 307 15.62 -6.32 6.63
CA ASP C 307 15.11 -7.04 5.48
C ASP C 307 14.51 -8.39 5.85
N ASP C 308 14.69 -8.85 7.09
CA ASP C 308 14.03 -10.06 7.58
C ASP C 308 12.66 -9.78 8.16
N PHE C 309 12.02 -8.68 7.74
CA PHE C 309 10.63 -8.22 8.00
C PHE C 309 10.47 -7.61 9.38
N ASN C 310 11.56 -7.37 10.11
CA ASN C 310 11.49 -6.87 11.49
C ASN C 310 12.03 -5.45 11.57
N CYS C 311 12.07 -4.94 12.81
CA CYS C 311 12.64 -3.63 13.12
C CYS C 311 13.32 -3.73 14.47
N ASN C 312 14.60 -3.39 14.53
CA ASN C 312 15.36 -3.45 15.77
C ASN C 312 15.46 -2.07 16.41
N VAL C 313 15.55 -2.06 17.74
CA VAL C 313 15.63 -0.83 18.52
C VAL C 313 16.93 -0.91 19.31
N TRP C 314 17.99 -0.33 18.75
CA TRP C 314 19.31 -0.40 19.36
C TRP C 314 19.48 0.65 20.45
N ASP C 315 20.41 0.39 21.36
CA ASP C 315 20.85 1.36 22.36
C ASP C 315 22.11 2.02 21.84
N ALA C 316 22.04 3.34 21.63
CA ALA C 316 23.06 4.03 20.84
C ALA C 316 24.38 4.26 21.60
N LEU C 317 24.39 4.11 22.92
CA LEU C 317 25.60 4.39 23.67
C LEU C 317 26.42 3.15 24.03
N LYS C 318 25.81 1.97 24.09
CA LYS C 318 26.53 0.76 24.43
C LYS C 318 26.47 -0.31 23.34
N ALA C 319 25.75 -0.05 22.24
CA ALA C 319 25.61 -0.96 21.09
C ALA C 319 25.04 -2.31 21.51
N ASP C 320 23.93 -2.27 22.23
CA ASP C 320 23.35 -3.47 22.85
C ASP C 320 21.86 -3.48 22.53
N ARG C 321 21.43 -4.54 21.83
CA ARG C 321 20.08 -4.59 21.28
C ARG C 321 19.04 -4.73 22.38
N ALA C 322 18.03 -3.85 22.35
CA ALA C 322 17.07 -3.76 23.45
C ALA C 322 15.64 -3.60 22.97
N GLY C 323 15.27 -4.27 21.88
CA GLY C 323 13.89 -4.21 21.42
C GLY C 323 13.67 -4.74 20.02
N VAL C 324 12.45 -5.19 19.75
CA VAL C 324 12.06 -5.74 18.45
C VAL C 324 10.65 -5.25 18.14
N LEU C 325 10.45 -4.69 16.95
CA LEU C 325 9.13 -4.29 16.49
C LEU C 325 8.71 -5.26 15.38
N ALA C 326 8.10 -6.37 15.79
CA ALA C 326 7.59 -7.37 14.85
C ALA C 326 6.12 -7.10 14.54
N GLY C 327 5.69 -7.52 13.36
CA GLY C 327 4.32 -7.29 12.97
C GLY C 327 4.08 -6.96 11.51
N HIS C 328 5.14 -6.88 10.71
CA HIS C 328 5.02 -6.69 9.27
C HIS C 328 5.23 -8.01 8.55
N ASP C 329 4.43 -8.23 7.50
CA ASP C 329 4.52 -9.47 6.75
C ASP C 329 5.61 -9.44 5.70
N ASN C 330 5.96 -8.27 5.18
CA ASN C 330 6.93 -8.13 4.11
C ASN C 330 8.02 -7.14 4.51
N ARG C 331 8.82 -6.75 3.52
CA ARG C 331 10.00 -5.91 3.71
C ARG C 331 9.65 -4.54 4.28
N VAL C 332 10.40 -4.10 5.28
CA VAL C 332 10.23 -2.77 5.86
C VAL C 332 10.99 -1.76 5.01
N SER C 333 10.26 -0.77 4.49
CA SER C 333 10.81 0.19 3.53
C SER C 333 11.26 1.50 4.17
N CYS C 334 10.52 2.00 5.16
CA CYS C 334 10.75 3.35 5.65
C CYS C 334 10.23 3.47 7.07
N LEU C 335 10.87 4.35 7.84
CA LEU C 335 10.41 4.64 9.20
C LEU C 335 10.87 6.03 9.61
N GLY C 336 9.99 6.74 10.32
CA GLY C 336 10.31 8.06 10.83
C GLY C 336 9.77 8.27 12.23
N VAL C 337 10.35 9.24 12.91
CA VAL C 337 9.99 9.60 14.29
C VAL C 337 9.48 11.03 14.29
N THR C 338 8.43 11.29 15.06
CA THR C 338 7.85 12.62 15.14
C THR C 338 8.80 13.61 15.82
N ASP C 339 8.51 14.90 15.63
CA ASP C 339 9.38 15.96 16.14
C ASP C 339 9.31 16.07 17.66
N ASP C 340 8.17 15.75 18.25
CA ASP C 340 8.05 15.79 19.71
C ASP C 340 8.39 14.47 20.38
N GLY C 341 8.44 13.37 19.63
CA GLY C 341 8.88 12.09 20.15
C GLY C 341 7.79 11.13 20.55
N MET C 342 6.54 11.39 20.18
CA MET C 342 5.43 10.59 20.66
C MET C 342 5.38 9.23 19.98
N ALA C 343 5.32 9.22 18.64
CA ALA C 343 5.07 7.99 17.90
C ALA C 343 6.23 7.66 16.98
N VAL C 344 6.14 6.48 16.38
CA VAL C 344 7.04 5.99 15.35
C VAL C 344 6.19 5.31 14.29
N ALA C 345 6.33 5.73 13.04
CA ALA C 345 5.62 5.11 11.93
C ALA C 345 6.55 4.20 11.15
N THR C 346 6.01 3.12 10.60
CA THR C 346 6.75 2.21 9.74
C THR C 346 5.92 1.89 8.50
N GLY C 347 6.59 1.80 7.36
CA GLY C 347 5.94 1.43 6.12
C GLY C 347 6.52 0.15 5.57
N SER C 348 5.78 -0.56 4.74
CA SER C 348 6.24 -1.87 4.30
C SER C 348 5.68 -2.22 2.93
N TRP C 349 6.25 -3.29 2.35
CA TRP C 349 5.89 -3.77 1.03
C TRP C 349 4.54 -4.48 0.99
N ASP C 350 3.94 -4.78 2.14
CA ASP C 350 2.65 -5.44 2.18
C ASP C 350 1.47 -4.47 2.22
N SER C 351 1.71 -3.19 1.88
CA SER C 351 0.69 -2.13 1.71
C SER C 351 0.06 -1.70 3.03
N PHE C 352 0.84 -1.62 4.10
CA PHE C 352 0.30 -1.16 5.37
C PHE C 352 1.28 -0.24 6.08
N LEU C 353 0.72 0.74 6.79
CA LEU C 353 1.46 1.65 7.65
C LEU C 353 1.03 1.41 9.09
N LYS C 354 2.00 1.36 10.00
CA LYS C 354 1.73 1.06 11.41
C LYS C 354 2.28 2.18 12.28
N ILE C 355 1.41 2.76 13.10
CA ILE C 355 1.82 3.76 14.08
C ILE C 355 2.08 3.06 15.40
N TRP C 356 3.33 3.11 15.85
CA TRP C 356 3.74 2.44 17.07
C TRP C 356 3.62 3.40 18.25
N ASN C 357 4.28 3.08 19.37
CA ASN C 357 4.16 3.73 20.69
C ASN C 357 4.20 5.27 20.70
N ALA D 7 41.96 12.71 -17.54
CA ALA D 7 43.20 13.31 -18.02
C ALA D 7 44.18 13.52 -16.87
N SER D 8 45.46 13.69 -17.21
CA SER D 8 46.50 13.81 -16.19
C SER D 8 46.52 15.18 -15.53
N ILE D 9 45.87 16.18 -16.13
CA ILE D 9 45.89 17.53 -15.56
C ILE D 9 44.48 18.07 -15.42
N ALA D 10 43.48 17.19 -15.54
CA ALA D 10 42.09 17.57 -15.37
C ALA D 10 41.42 16.85 -14.21
N GLN D 11 41.51 15.52 -14.16
CA GLN D 11 40.83 14.71 -13.16
C GLN D 11 41.76 14.12 -12.12
N ALA D 12 43.00 13.79 -12.51
CA ALA D 12 44.00 13.38 -11.54
C ALA D 12 44.57 14.56 -10.75
N ARG D 13 44.32 15.79 -11.21
CA ARG D 13 44.79 17.00 -10.56
C ARG D 13 43.72 17.63 -9.66
N LYS D 14 42.45 17.54 -10.08
CA LYS D 14 41.34 18.04 -9.25
C LYS D 14 41.19 17.24 -7.97
N LEU D 15 41.51 15.95 -8.01
CA LEU D 15 41.38 15.10 -6.83
C LEU D 15 42.51 15.35 -5.83
N VAL D 16 43.65 15.85 -6.30
CA VAL D 16 44.74 16.21 -5.38
C VAL D 16 44.37 17.47 -4.58
N GLU D 17 43.69 18.42 -5.24
CA GLU D 17 43.16 19.58 -4.52
C GLU D 17 42.07 19.19 -3.52
N GLN D 18 41.33 18.13 -3.80
CA GLN D 18 40.30 17.69 -2.87
C GLN D 18 40.90 16.98 -1.65
N LEU D 19 41.88 16.10 -1.87
CA LEU D 19 42.47 15.35 -0.78
C LEU D 19 43.45 16.15 0.07
N LYS D 20 43.81 17.36 -0.33
CA LYS D 20 44.56 18.27 0.53
C LYS D 20 43.71 19.42 1.02
N MET D 21 42.43 19.46 0.63
CA MET D 21 41.46 20.35 1.27
C MET D 21 40.94 19.72 2.56
N GLU D 22 40.91 18.40 2.62
CA GLU D 22 40.40 17.65 3.75
C GLU D 22 41.49 17.33 4.77
N ALA D 23 42.75 17.33 4.36
CA ALA D 23 43.86 16.90 5.22
C ALA D 23 44.49 18.06 5.99
N ASN D 24 43.76 19.16 6.19
CA ASN D 24 44.26 20.27 7.00
C ASN D 24 43.23 20.81 7.98
N ILE D 25 42.11 20.11 8.18
CA ILE D 25 41.10 20.57 9.13
C ILE D 25 41.55 20.26 10.55
N ASP D 26 40.87 20.85 11.53
CA ASP D 26 41.24 20.69 12.93
C ASP D 26 40.39 19.60 13.57
N ARG D 27 41.03 18.75 14.36
CA ARG D 27 40.38 17.59 14.95
C ARG D 27 40.50 17.64 16.47
N ILE D 28 39.52 17.04 17.14
CA ILE D 28 39.56 16.85 18.57
C ILE D 28 39.67 15.35 18.85
N LYS D 29 39.83 15.00 20.12
CA LYS D 29 40.00 13.61 20.48
C LYS D 29 38.66 12.87 20.43
N VAL D 30 38.75 11.54 20.34
CA VAL D 30 37.55 10.72 20.43
C VAL D 30 37.04 10.69 21.87
N SER D 31 37.96 10.77 22.84
CA SER D 31 37.58 10.74 24.25
C SER D 31 36.80 11.98 24.66
N LYS D 32 37.08 13.13 24.05
CA LYS D 32 36.32 14.34 24.35
C LYS D 32 34.94 14.31 23.70
N ALA D 33 34.88 13.92 22.43
CA ALA D 33 33.63 13.90 21.70
C ALA D 33 32.74 12.72 22.07
N ALA D 34 33.26 11.75 22.81
CA ALA D 34 32.40 10.73 23.39
C ALA D 34 31.69 11.22 24.64
N ALA D 35 32.32 12.17 25.36
CA ALA D 35 31.68 12.75 26.54
C ALA D 35 30.61 13.75 26.16
N ASP D 36 30.83 14.50 25.08
CA ASP D 36 29.82 15.46 24.61
C ASP D 36 28.64 14.77 23.93
N LEU D 37 28.81 13.52 23.50
CA LEU D 37 27.70 12.73 22.98
C LEU D 37 26.93 12.02 24.07
N MET D 38 27.55 11.84 25.24
CA MET D 38 26.88 11.24 26.39
C MET D 38 26.20 12.28 27.27
N ALA D 39 26.72 13.51 27.30
CA ALA D 39 26.13 14.57 28.10
C ALA D 39 24.86 15.14 27.47
N TYR D 40 24.69 15.01 26.15
CA TYR D 40 23.43 15.41 25.54
C TYR D 40 22.32 14.40 25.86
N CYS D 41 22.69 13.15 26.10
CA CYS D 41 21.71 12.12 26.41
C CYS D 41 21.20 12.20 27.85
N GLU D 42 21.98 12.79 28.76
CA GLU D 42 21.54 12.88 30.15
C GLU D 42 20.68 14.11 30.41
N ALA D 43 20.86 15.18 29.62
CA ALA D 43 20.06 16.38 29.82
C ALA D 43 18.65 16.21 29.31
N HIS D 44 18.47 15.58 28.15
CA HIS D 44 17.17 15.45 27.52
C HIS D 44 16.56 14.07 27.75
N ALA D 45 16.91 13.42 28.86
CA ALA D 45 16.43 12.06 29.11
C ALA D 45 14.97 12.04 29.54
N LYS D 46 14.54 13.02 30.33
CA LYS D 46 13.17 13.05 30.81
C LYS D 46 12.18 13.61 29.80
N GLU D 47 12.66 14.16 28.69
CA GLU D 47 11.80 14.68 27.63
C GLU D 47 11.51 13.66 26.55
N ASP D 48 12.10 12.47 26.61
CA ASP D 48 11.91 11.45 25.60
C ASP D 48 10.68 10.62 25.94
N PRO D 49 9.64 10.62 25.10
CA PRO D 49 8.41 9.87 25.40
C PRO D 49 8.42 8.41 24.96
N LEU D 50 9.55 7.91 24.44
CA LEU D 50 9.69 6.50 24.11
C LEU D 50 10.66 5.78 25.02
N LEU D 51 11.66 6.49 25.53
CA LEU D 51 12.56 5.92 26.54
C LEU D 51 11.83 5.71 27.86
N THR D 52 11.13 6.74 28.32
CA THR D 52 10.32 6.67 29.54
C THR D 52 8.86 6.90 29.19
N PRO D 53 8.00 5.88 29.31
CA PRO D 53 6.61 6.03 28.86
C PRO D 53 5.79 6.93 29.78
N VAL D 54 5.04 7.83 29.15
CA VAL D 54 4.13 8.76 29.83
C VAL D 54 2.81 8.04 30.06
N PRO D 55 1.98 8.45 31.03
CA PRO D 55 0.71 7.74 31.26
C PRO D 55 -0.28 7.91 30.12
N ALA D 56 -1.39 7.17 30.24
CA ALA D 56 -2.37 7.07 29.17
C ALA D 56 -3.20 8.33 28.99
N SER D 57 -3.11 9.30 29.90
CA SER D 57 -3.81 10.56 29.71
C SER D 57 -3.12 11.41 28.65
N GLU D 58 -1.81 11.62 28.81
CA GLU D 58 -1.02 12.39 27.84
C GLU D 58 -0.50 11.45 26.75
N ASN D 59 -1.44 10.90 25.99
CA ASN D 59 -1.13 9.93 24.94
C ASN D 59 -2.25 9.98 23.91
N PRO D 60 -2.08 10.75 22.82
CA PRO D 60 -3.14 10.85 21.82
C PRO D 60 -3.32 9.59 20.98
N PHE D 61 -2.35 8.68 21.00
CA PHE D 61 -2.45 7.40 20.31
C PHE D 61 -2.83 6.27 21.26
N ARG D 62 -3.67 6.54 22.26
CA ARG D 62 -4.02 5.54 23.26
C ARG D 62 -5.48 5.14 23.25
N GLU D 63 -6.33 5.85 22.49
CA GLU D 63 -7.78 5.62 22.30
C GLU D 63 -8.59 5.29 23.56
N VAL E 2 -13.42 32.25 -8.54
CA VAL E 2 -14.53 31.70 -7.76
C VAL E 2 -15.75 32.59 -7.92
N GLN E 3 -16.88 32.00 -8.33
CA GLN E 3 -18.09 32.75 -8.58
C GLN E 3 -19.30 31.93 -8.20
N LEU E 4 -20.31 32.61 -7.67
CA LEU E 4 -21.62 32.00 -7.37
C LEU E 4 -22.68 33.01 -7.74
N VAL E 5 -23.59 32.64 -8.63
CA VAL E 5 -24.62 33.55 -9.15
C VAL E 5 -25.98 32.93 -8.91
N GLU E 6 -26.80 33.60 -8.09
CA GLU E 6 -28.15 33.15 -7.82
C GLU E 6 -29.14 33.85 -8.75
N SER E 7 -30.22 33.14 -9.08
CA SER E 7 -31.30 33.70 -9.89
C SER E 7 -32.57 32.90 -9.65
N GLY E 8 -33.71 33.58 -9.72
CA GLY E 8 -34.99 32.90 -9.62
C GLY E 8 -36.03 33.61 -8.78
N GLY E 9 -35.65 34.72 -8.15
CA GLY E 9 -36.55 35.38 -7.23
C GLY E 9 -37.56 36.29 -7.90
N GLY E 10 -38.60 36.64 -7.15
CA GLY E 10 -39.64 37.53 -7.65
C GLY E 10 -40.85 37.50 -6.75
N LEU E 11 -41.90 38.18 -7.22
CA LEU E 11 -43.15 38.31 -6.47
C LEU E 11 -43.94 37.02 -6.57
N VAL E 12 -44.21 36.40 -5.42
CA VAL E 12 -44.92 35.12 -5.35
C VAL E 12 -46.18 35.32 -4.53
N GLN E 13 -47.32 34.90 -5.09
CA GLN E 13 -48.57 34.92 -4.36
C GLN E 13 -48.54 33.87 -3.25
N PRO E 14 -49.18 34.14 -2.09
CA PRO E 14 -49.07 33.23 -0.94
C PRO E 14 -49.76 31.88 -1.15
N GLY E 15 -48.96 30.82 -1.24
CA GLY E 15 -49.45 29.48 -1.46
C GLY E 15 -48.88 28.78 -2.67
N GLY E 16 -48.21 29.49 -3.58
CA GLY E 16 -47.67 28.89 -4.78
C GLY E 16 -46.35 28.19 -4.54
N SER E 17 -45.52 28.16 -5.59
CA SER E 17 -44.22 27.51 -5.52
C SER E 17 -43.20 28.34 -6.28
N ARG E 18 -41.92 27.99 -6.10
CA ARG E 18 -40.82 28.75 -6.68
C ARG E 18 -39.58 27.88 -6.69
N LYS E 19 -38.76 28.04 -7.73
CA LYS E 19 -37.49 27.36 -7.87
C LYS E 19 -36.35 28.37 -7.75
N LEU E 20 -35.24 27.94 -7.16
CA LEU E 20 -34.05 28.77 -7.03
C LEU E 20 -32.83 28.02 -7.54
N SER E 21 -31.83 28.77 -8.01
CA SER E 21 -30.65 28.19 -8.63
C SER E 21 -29.39 28.89 -8.12
N CYS E 22 -28.31 28.12 -8.01
CA CYS E 22 -27.01 28.64 -7.58
C CYS E 22 -25.96 28.10 -8.55
N SER E 23 -25.59 28.91 -9.55
CA SER E 23 -24.67 28.49 -10.61
C SER E 23 -23.24 28.77 -10.19
N ALA E 24 -22.48 27.71 -9.93
CA ALA E 24 -21.10 27.83 -9.49
C ALA E 24 -20.15 27.92 -10.69
N SER E 25 -18.98 28.49 -10.45
CA SER E 25 -17.98 28.67 -11.49
C SER E 25 -16.61 28.86 -10.85
N GLY E 26 -15.59 28.27 -11.46
CA GLY E 26 -14.21 28.57 -11.11
C GLY E 26 -13.59 27.72 -10.03
N PHE E 27 -14.28 26.69 -9.54
CA PHE E 27 -13.71 25.84 -8.50
C PHE E 27 -14.30 24.44 -8.62
N ALA E 28 -13.72 23.51 -7.86
CA ALA E 28 -14.10 22.10 -7.88
C ALA E 28 -15.38 21.93 -7.07
N PHE E 29 -16.52 22.06 -7.76
CA PHE E 29 -17.82 22.17 -7.10
C PHE E 29 -18.24 20.91 -6.36
N SER E 30 -17.84 19.74 -6.85
CA SER E 30 -18.37 18.50 -6.31
C SER E 30 -17.73 18.09 -5.00
N SER E 31 -16.58 18.66 -4.64
CA SER E 31 -15.93 18.35 -3.38
C SER E 31 -16.28 19.35 -2.27
N PHE E 32 -17.27 20.20 -2.50
CA PHE E 32 -17.70 21.21 -1.53
C PHE E 32 -19.12 20.92 -1.07
N GLY E 33 -19.38 21.16 0.22
CA GLY E 33 -20.74 21.13 0.73
C GLY E 33 -21.35 22.52 0.70
N MET E 34 -22.66 22.57 0.45
CA MET E 34 -23.34 23.83 0.20
C MET E 34 -24.43 24.09 1.24
N HIS E 35 -24.67 25.36 1.52
CA HIS E 35 -25.70 25.80 2.44
C HIS E 35 -26.57 26.85 1.77
N TRP E 36 -27.76 27.07 2.33
CA TRP E 36 -28.59 28.22 2.02
C TRP E 36 -28.78 29.03 3.30
N VAL E 37 -28.61 30.34 3.20
CA VAL E 37 -28.73 31.26 4.32
C VAL E 37 -29.58 32.45 3.86
N ARG E 38 -30.55 32.85 4.67
CA ARG E 38 -31.42 33.96 4.29
C ARG E 38 -31.33 35.08 5.31
N GLN E 39 -31.87 36.23 4.92
CA GLN E 39 -31.82 37.43 5.76
C GLN E 39 -33.09 38.24 5.48
N ALA E 40 -33.99 38.28 6.46
CA ALA E 40 -35.18 39.10 6.36
C ALA E 40 -34.80 40.59 6.39
N PRO E 41 -35.57 41.46 5.71
CA PRO E 41 -35.16 42.87 5.58
C PRO E 41 -35.20 43.69 6.86
N GLU E 42 -35.61 43.12 8.00
CA GLU E 42 -35.51 43.83 9.27
C GLU E 42 -35.01 42.91 10.38
N LYS E 43 -34.27 41.87 10.01
CA LYS E 43 -33.76 40.87 10.96
C LYS E 43 -32.29 40.61 10.62
N GLY E 44 -31.74 39.56 11.21
CA GLY E 44 -30.37 39.17 10.96
C GLY E 44 -30.25 37.97 10.05
N LEU E 45 -29.21 37.17 10.23
CA LEU E 45 -28.98 35.98 9.41
C LEU E 45 -29.62 34.76 10.04
N GLU E 46 -30.14 33.87 9.19
CA GLU E 46 -30.83 32.68 9.67
C GLU E 46 -30.59 31.54 8.69
N TRP E 47 -30.03 30.44 9.21
CA TRP E 47 -29.67 29.29 8.39
C TRP E 47 -30.93 28.56 7.90
N VAL E 48 -30.83 27.94 6.71
CA VAL E 48 -31.99 27.30 6.09
C VAL E 48 -31.77 25.81 5.88
N ALA E 49 -30.76 25.42 5.10
CA ALA E 49 -30.61 24.02 4.71
C ALA E 49 -29.14 23.70 4.52
N TYR E 50 -28.87 22.46 4.12
CA TYR E 50 -27.53 21.93 3.91
C TYR E 50 -27.61 20.67 3.07
N ILE E 51 -26.64 20.48 2.17
CA ILE E 51 -26.47 19.23 1.43
C ILE E 51 -24.97 18.96 1.33
N SER E 52 -24.58 17.73 1.59
CA SER E 52 -23.17 17.39 1.73
C SER E 52 -22.55 17.06 0.37
N SER E 53 -21.22 16.89 0.39
CA SER E 53 -20.47 16.48 -0.78
C SER E 53 -20.77 15.02 -1.08
N GLY E 54 -21.52 14.77 -2.15
CA GLY E 54 -21.94 13.43 -2.51
C GLY E 54 -23.41 13.14 -2.30
N SER E 55 -24.18 14.14 -1.86
CA SER E 55 -25.64 14.05 -1.62
C SER E 55 -25.99 12.99 -0.58
N GLY E 56 -25.11 12.75 0.38
CA GLY E 56 -25.33 11.74 1.40
C GLY E 56 -25.79 12.24 2.75
N THR E 57 -25.86 13.56 2.95
CA THR E 57 -26.35 14.13 4.20
C THR E 57 -27.13 15.39 3.88
N ILE E 58 -28.40 15.43 4.29
CA ILE E 58 -29.27 16.58 4.07
C ILE E 58 -29.91 16.95 5.40
N TYR E 59 -29.77 18.21 5.81
CA TYR E 59 -30.40 18.73 7.01
C TYR E 59 -31.36 19.86 6.63
N TYR E 60 -32.18 20.27 7.61
CA TYR E 60 -33.11 21.37 7.42
C TYR E 60 -33.26 22.16 8.70
N ALA E 61 -33.95 23.28 8.60
CA ALA E 61 -34.37 24.06 9.75
C ALA E 61 -35.82 23.75 10.07
N ASP E 62 -36.20 23.94 11.34
CA ASP E 62 -37.50 23.50 11.81
C ASP E 62 -38.66 24.32 11.23
N THR E 63 -38.42 25.55 10.82
CA THR E 63 -39.47 26.36 10.22
C THR E 63 -39.70 26.06 8.75
N VAL E 64 -38.84 25.24 8.13
CA VAL E 64 -39.00 24.84 6.73
C VAL E 64 -38.94 23.34 6.53
N LYS E 65 -38.88 22.55 7.60
CA LYS E 65 -38.71 21.11 7.49
C LYS E 65 -39.99 20.47 6.96
N GLY E 66 -39.85 19.63 5.93
CA GLY E 66 -40.97 19.02 5.27
C GLY E 66 -41.64 19.87 4.21
N ARG E 67 -41.28 21.15 4.11
CA ARG E 67 -41.87 22.06 3.14
C ARG E 67 -40.89 22.50 2.06
N PHE E 68 -39.60 22.54 2.36
CA PHE E 68 -38.57 22.90 1.40
C PHE E 68 -37.83 21.66 0.95
N THR E 69 -37.27 21.72 -0.26
CA THR E 69 -36.54 20.60 -0.84
C THR E 69 -35.25 21.12 -1.45
N ILE E 70 -34.13 20.51 -1.07
CA ILE E 70 -32.82 20.87 -1.60
C ILE E 70 -32.32 19.72 -2.46
N SER E 71 -31.53 20.07 -3.49
CA SER E 71 -30.95 19.10 -4.42
C SER E 71 -29.80 19.78 -5.16
N ARG E 72 -28.86 18.95 -5.63
CA ARG E 72 -27.72 19.45 -6.38
C ARG E 72 -27.50 18.62 -7.64
N ASP E 73 -26.87 19.24 -8.62
CA ASP E 73 -26.50 18.61 -9.88
C ASP E 73 -24.98 18.76 -9.99
N ASP E 74 -24.25 17.67 -9.76
CA ASP E 74 -22.78 17.76 -9.72
C ASP E 74 -22.14 18.00 -11.08
N PRO E 75 -22.39 17.26 -12.16
CA PRO E 75 -21.65 17.51 -13.41
C PRO E 75 -22.15 18.70 -14.21
N LYS E 76 -23.10 19.48 -13.71
CA LYS E 76 -23.49 20.73 -14.35
C LYS E 76 -23.23 21.95 -13.47
N ASN E 77 -22.74 21.74 -12.24
CA ASN E 77 -22.36 22.78 -11.28
C ASN E 77 -23.53 23.72 -10.97
N THR E 78 -24.60 23.14 -10.43
CA THR E 78 -25.82 23.89 -10.16
C THR E 78 -26.49 23.35 -8.91
N LEU E 79 -26.83 24.25 -7.99
CA LEU E 79 -27.54 23.92 -6.77
C LEU E 79 -28.98 24.38 -6.86
N PHE E 80 -29.91 23.58 -6.34
CA PHE E 80 -31.33 23.87 -6.41
C PHE E 80 -31.93 23.96 -5.02
N LEU E 81 -33.02 24.73 -4.92
CA LEU E 81 -33.86 24.77 -3.73
C LEU E 81 -35.30 24.96 -4.17
N GLN E 82 -36.15 24.00 -3.85
CA GLN E 82 -37.54 24.02 -4.29
C GLN E 82 -38.43 24.37 -3.10
N MET E 83 -39.19 25.45 -3.23
CA MET E 83 -40.08 25.93 -2.19
C MET E 83 -41.53 25.73 -2.62
N THR E 84 -42.37 25.28 -1.69
CA THR E 84 -43.80 25.09 -1.91
C THR E 84 -44.59 25.73 -0.78
N SER E 85 -45.73 26.35 -1.14
CA SER E 85 -46.70 26.95 -0.22
C SER E 85 -46.04 28.02 0.66
N LEU E 86 -45.61 29.09 -0.02
CA LEU E 86 -44.81 30.12 0.61
C LEU E 86 -45.67 31.00 1.50
N ARG E 87 -45.31 31.06 2.79
CA ARG E 87 -45.98 31.90 3.76
C ARG E 87 -45.50 33.35 3.62
N SER E 88 -46.09 34.24 4.42
CA SER E 88 -45.69 35.63 4.43
C SER E 88 -44.36 35.86 5.14
N GLU E 89 -43.93 34.92 5.99
CA GLU E 89 -42.66 35.03 6.70
C GLU E 89 -41.51 34.44 5.91
N ASP E 90 -41.70 34.18 4.61
CA ASP E 90 -40.64 33.69 3.74
C ASP E 90 -40.15 34.79 2.80
N THR E 91 -40.09 36.03 3.28
CA THR E 91 -39.56 37.15 2.51
C THR E 91 -38.17 37.48 3.04
N ALA E 92 -37.15 37.25 2.21
CA ALA E 92 -35.76 37.41 2.64
C ALA E 92 -34.87 37.54 1.41
N MET E 93 -33.57 37.46 1.63
CA MET E 93 -32.56 37.40 0.57
C MET E 93 -31.77 36.13 0.76
N TYR E 94 -31.94 35.16 -0.15
CA TYR E 94 -31.38 33.83 0.02
C TYR E 94 -29.97 33.79 -0.54
N TYR E 95 -29.00 33.43 0.30
CA TYR E 95 -27.60 33.35 -0.08
C TYR E 95 -27.17 31.91 -0.28
N CYS E 96 -25.99 31.74 -0.89
CA CYS E 96 -25.46 30.44 -1.27
C CYS E 96 -24.01 30.39 -0.81
N VAL E 97 -23.70 29.49 0.12
CA VAL E 97 -22.39 29.46 0.77
C VAL E 97 -21.75 28.11 0.49
N ARG E 98 -20.47 28.12 0.12
CA ARG E 98 -19.70 26.89 -0.05
C ARG E 98 -18.90 26.59 1.20
N SER E 99 -18.65 25.30 1.44
CA SER E 99 -18.03 24.87 2.68
C SER E 99 -17.39 23.50 2.51
N ILE E 100 -16.11 23.38 2.88
CA ILE E 100 -15.41 22.11 2.82
C ILE E 100 -14.91 21.76 4.22
N TYR E 101 -14.87 20.47 4.52
CA TYR E 101 -14.57 19.96 5.86
C TYR E 101 -13.48 18.91 5.82
N TYR E 102 -12.30 19.26 6.28
CA TYR E 102 -11.26 18.31 6.64
C TYR E 102 -10.45 18.92 7.77
N TYR E 103 -9.34 18.27 8.14
CA TYR E 103 -8.50 18.80 9.21
C TYR E 103 -7.79 20.05 8.74
N GLY E 104 -8.05 21.18 9.39
CA GLY E 104 -7.41 22.42 9.07
C GLY E 104 -8.10 23.26 8.02
N SER E 105 -9.27 22.84 7.54
CA SER E 105 -9.97 23.59 6.51
C SER E 105 -10.66 24.81 7.11
N SER E 106 -11.23 25.63 6.23
CA SER E 106 -11.91 26.86 6.64
C SER E 106 -13.32 26.85 6.06
N PRO E 107 -14.32 26.42 6.83
CA PRO E 107 -15.70 26.44 6.33
C PRO E 107 -16.26 27.86 6.23
N PHE E 108 -17.30 27.98 5.39
CA PHE E 108 -18.11 29.19 5.22
C PHE E 108 -17.28 30.37 4.68
N ASP E 109 -16.40 30.10 3.73
CA ASP E 109 -15.40 31.07 3.33
C ASP E 109 -15.69 31.76 2.01
N PHE E 110 -16.83 31.50 1.37
CA PHE E 110 -17.23 32.25 0.20
C PHE E 110 -18.75 32.28 0.11
N TRP E 111 -19.28 33.47 -0.14
CA TRP E 111 -20.72 33.70 -0.23
C TRP E 111 -21.07 34.19 -1.64
N GLY E 112 -22.33 34.02 -2.02
CA GLY E 112 -22.82 34.51 -3.28
C GLY E 112 -23.21 35.98 -3.21
N GLN E 113 -24.21 36.35 -3.99
CA GLN E 113 -24.73 37.71 -3.96
C GLN E 113 -26.21 37.80 -3.62
N GLY E 114 -26.92 36.67 -3.58
CA GLY E 114 -28.29 36.66 -3.10
C GLY E 114 -29.33 37.08 -4.11
N THR E 115 -30.50 36.44 -4.06
CA THR E 115 -31.66 36.84 -4.84
C THR E 115 -32.79 37.23 -3.90
N THR E 116 -33.74 38.00 -4.41
CA THR E 116 -34.79 38.61 -3.61
C THR E 116 -36.12 37.92 -3.90
N LEU E 117 -36.76 37.42 -2.84
CA LEU E 117 -38.06 36.75 -2.94
C LEU E 117 -39.05 37.45 -2.02
N THR E 118 -39.86 38.34 -2.58
CA THR E 118 -40.95 38.95 -1.82
C THR E 118 -42.23 38.13 -1.97
N VAL E 119 -42.93 37.96 -0.87
CA VAL E 119 -44.21 37.24 -0.85
C VAL E 119 -45.28 38.23 -0.40
N SER E 120 -46.22 38.54 -1.29
CA SER E 120 -47.27 39.49 -0.98
C SER E 120 -48.32 38.85 -0.07
N SER E 121 -49.23 39.69 0.43
CA SER E 121 -50.29 39.22 1.31
C SER E 121 -51.65 39.78 0.88
N SER E 136 -33.50 23.83 23.79
CA SER E 136 -32.69 22.82 23.12
C SER E 136 -31.62 23.46 22.24
N ASP E 137 -32.04 24.43 21.42
CA ASP E 137 -31.13 25.10 20.52
C ASP E 137 -30.19 26.04 21.29
N ILE E 138 -28.95 26.12 20.83
CA ILE E 138 -28.00 27.06 21.42
C ILE E 138 -28.39 28.48 21.01
N VAL E 139 -28.69 29.31 22.00
CA VAL E 139 -29.11 30.69 21.79
C VAL E 139 -27.87 31.57 21.86
N MET E 140 -27.60 32.31 20.79
CA MET E 140 -26.44 33.19 20.72
C MET E 140 -26.88 34.61 21.03
N THR E 141 -26.22 35.22 22.01
CA THR E 141 -26.59 36.55 22.52
C THR E 141 -25.51 37.54 22.15
N GLN E 142 -25.88 38.56 21.38
CA GLN E 142 -25.00 39.67 21.00
C GLN E 142 -25.69 40.93 21.49
N ALA E 143 -25.49 41.27 22.76
CA ALA E 143 -26.29 42.28 23.43
C ALA E 143 -25.61 43.65 23.37
N THR E 144 -25.53 44.18 22.16
CA THR E 144 -25.12 45.56 21.92
C THR E 144 -25.73 46.01 20.60
N SER E 145 -26.44 47.14 20.62
CA SER E 145 -27.12 47.62 19.41
C SER E 145 -26.14 48.32 18.46
N SER E 146 -25.55 49.42 18.93
CA SER E 146 -24.66 50.21 18.09
C SER E 146 -23.48 50.71 18.92
N VAL E 147 -22.35 50.90 18.24
CA VAL E 147 -21.12 51.40 18.87
C VAL E 147 -20.52 52.48 17.97
N PRO E 148 -20.34 53.70 18.46
CA PRO E 148 -19.65 54.71 17.64
C PRO E 148 -18.14 54.52 17.67
N VAL E 149 -17.51 54.82 16.54
CA VAL E 149 -16.08 54.67 16.36
C VAL E 149 -15.50 55.95 15.76
N THR E 150 -14.17 55.96 15.63
CA THR E 150 -13.38 57.01 15.02
C THR E 150 -12.12 56.32 14.54
N PRO E 151 -11.67 56.54 13.29
CA PRO E 151 -10.63 55.67 12.72
C PRO E 151 -9.22 55.84 13.28
N GLY E 152 -9.06 55.81 14.61
CA GLY E 152 -7.75 55.66 15.20
C GLY E 152 -7.71 54.72 16.39
N GLU E 153 -8.88 54.36 16.91
CA GLU E 153 -8.98 53.77 18.24
C GLU E 153 -9.46 52.33 18.18
N SER E 154 -9.14 51.59 19.24
CA SER E 154 -9.57 50.21 19.36
C SER E 154 -11.07 50.12 19.62
N VAL E 155 -11.65 48.99 19.22
CA VAL E 155 -13.07 48.70 19.49
C VAL E 155 -13.20 47.20 19.69
N SER E 156 -14.08 46.80 20.61
CA SER E 156 -14.26 45.40 20.96
C SER E 156 -15.73 45.05 20.97
N ILE E 157 -16.08 43.95 20.29
CA ILE E 157 -17.44 43.42 20.24
C ILE E 157 -17.45 42.11 21.01
N SER E 158 -18.61 41.76 21.57
CA SER E 158 -18.74 40.55 22.37
C SER E 158 -19.95 39.75 21.92
N CYS E 159 -19.91 38.45 22.23
CA CYS E 159 -20.96 37.50 21.90
C CYS E 159 -20.96 36.42 22.97
N ARG E 160 -22.13 35.84 23.22
CA ARG E 160 -22.26 34.84 24.28
C ARG E 160 -23.18 33.72 23.82
N SER E 161 -23.06 32.58 24.49
CA SER E 161 -23.79 31.37 24.12
C SER E 161 -24.45 30.74 25.34
N SER E 162 -25.53 30.01 25.09
CA SER E 162 -26.21 29.28 26.16
C SER E 162 -25.40 28.09 26.64
N LYS E 163 -24.55 27.55 25.78
CA LYS E 163 -23.81 26.32 26.05
C LYS E 163 -22.33 26.57 25.76
N SER E 164 -21.47 25.81 26.44
CA SER E 164 -20.04 25.90 26.18
C SER E 164 -19.72 25.23 24.84
N LEU E 165 -19.18 26.02 23.91
CA LEU E 165 -18.87 25.53 22.58
C LEU E 165 -17.56 24.75 22.51
N LEU E 166 -16.80 24.70 23.60
CA LEU E 166 -15.60 23.89 23.65
C LEU E 166 -15.96 22.41 23.65
N HIS E 167 -15.31 21.66 22.77
CA HIS E 167 -15.55 20.23 22.61
C HIS E 167 -14.41 19.45 23.27
N SER E 168 -14.63 18.13 23.42
CA SER E 168 -13.68 17.29 24.13
C SER E 168 -12.40 17.06 23.35
N ASN E 169 -12.39 17.29 22.04
CA ASN E 169 -11.14 17.16 21.29
C ASN E 169 -10.23 18.36 21.50
N GLY E 170 -10.81 19.56 21.61
CA GLY E 170 -10.02 20.75 21.87
C GLY E 170 -10.39 21.94 21.02
N ASN E 171 -11.42 21.80 20.19
CA ASN E 171 -11.84 22.88 19.32
C ASN E 171 -12.88 23.76 20.00
N THR E 172 -13.13 24.93 19.41
CA THR E 172 -14.15 25.87 19.88
C THR E 172 -14.79 26.45 18.63
N TYR E 173 -16.02 26.01 18.32
CA TYR E 173 -16.64 26.28 17.03
C TYR E 173 -17.42 27.58 17.08
N LEU E 174 -16.68 28.68 17.01
CA LEU E 174 -17.26 30.01 16.93
C LEU E 174 -16.72 30.73 15.70
N TYR E 175 -17.60 31.39 14.96
CA TYR E 175 -17.24 32.06 13.72
C TYR E 175 -17.62 33.53 13.82
N TRP E 176 -16.96 34.36 13.00
CA TRP E 176 -17.26 35.78 12.91
C TRP E 176 -17.43 36.18 11.45
N PHE E 177 -18.44 37.00 11.17
CA PHE E 177 -18.71 37.48 9.83
C PHE E 177 -18.91 39.00 9.86
N LEU E 178 -18.58 39.63 8.74
CA LEU E 178 -18.70 41.09 8.60
C LEU E 178 -19.41 41.39 7.29
N GLN E 179 -20.45 42.21 7.38
CA GLN E 179 -21.28 42.58 6.23
C GLN E 179 -21.28 44.10 6.11
N ARG E 180 -20.31 44.63 5.38
CA ARG E 180 -20.33 46.06 5.03
C ARG E 180 -21.53 46.33 4.13
N PRO E 181 -22.17 47.50 4.26
CA PRO E 181 -23.51 47.69 3.66
C PRO E 181 -23.49 47.73 2.14
N GLY E 182 -24.52 47.15 1.55
CA GLY E 182 -24.61 46.98 0.12
C GLY E 182 -23.94 45.75 -0.43
N GLN E 183 -23.43 44.87 0.43
CA GLN E 183 -22.68 43.69 0.01
C GLN E 183 -23.14 42.48 0.81
N SER E 184 -22.55 41.33 0.50
CA SER E 184 -22.70 40.01 1.07
C SER E 184 -21.66 39.78 2.16
N PRO E 185 -21.94 38.96 3.16
CA PRO E 185 -20.98 38.75 4.26
C PRO E 185 -19.73 38.02 3.81
N GLN E 186 -18.70 38.11 4.67
CA GLN E 186 -17.42 37.48 4.43
C GLN E 186 -16.87 36.95 5.74
N LEU E 187 -15.94 36.02 5.64
CA LEU E 187 -15.40 35.34 6.82
C LEU E 187 -14.21 36.12 7.36
N LEU E 188 -14.17 36.31 8.67
CA LEU E 188 -13.05 36.94 9.35
C LEU E 188 -12.29 35.96 10.24
N ILE E 189 -12.98 35.33 11.19
CA ILE E 189 -12.36 34.43 12.16
C ILE E 189 -13.13 33.12 12.12
N TYR E 190 -12.41 32.01 11.94
CA TYR E 190 -13.00 30.68 12.04
C TYR E 190 -12.34 29.94 13.19
N ARG E 191 -13.19 29.26 14.00
CA ARG E 191 -12.80 28.52 15.20
C ARG E 191 -12.07 29.40 16.21
N MET E 192 -12.54 30.65 16.36
CA MET E 192 -12.27 31.56 17.47
C MET E 192 -10.85 32.11 17.51
N SER E 193 -9.94 31.61 16.67
CA SER E 193 -8.54 32.02 16.76
C SER E 193 -7.84 32.27 15.44
N ASN E 194 -8.38 31.85 14.29
CA ASN E 194 -7.64 31.80 13.04
C ASN E 194 -8.21 32.80 12.04
N LEU E 195 -7.30 33.50 11.35
CA LEU E 195 -7.69 34.48 10.34
C LEU E 195 -7.95 33.79 9.01
N ALA E 196 -8.89 34.36 8.24
CA ALA E 196 -9.17 33.87 6.91
C ALA E 196 -8.16 34.45 5.92
N SER E 197 -8.24 34.01 4.67
CA SER E 197 -7.32 34.45 3.63
C SER E 197 -7.69 35.84 3.12
N GLY E 198 -6.69 36.70 2.97
CA GLY E 198 -6.93 38.05 2.50
C GLY E 198 -7.49 38.98 3.53
N VAL E 199 -7.24 38.73 4.81
CA VAL E 199 -7.73 39.55 5.90
C VAL E 199 -6.52 40.13 6.62
N PRO E 200 -6.48 41.43 6.91
CA PRO E 200 -5.35 42.00 7.64
C PRO E 200 -5.27 41.49 9.08
N ASP E 201 -4.06 41.52 9.62
CA ASP E 201 -3.77 40.93 10.93
C ASP E 201 -4.24 41.78 12.10
N ARG E 202 -4.85 42.94 11.85
CA ARG E 202 -5.38 43.77 12.93
C ARG E 202 -6.64 43.19 13.58
N PHE E 203 -7.28 42.20 12.95
CA PHE E 203 -8.40 41.49 13.55
C PHE E 203 -7.89 40.33 14.39
N SER E 204 -8.53 40.11 15.54
CA SER E 204 -8.08 39.07 16.46
C SER E 204 -9.24 38.68 17.37
N GLY E 205 -9.59 37.39 17.39
CA GLY E 205 -10.61 36.88 18.27
C GLY E 205 -10.02 36.17 19.47
N SER E 206 -10.81 36.12 20.55
CA SER E 206 -10.35 35.55 21.81
C SER E 206 -11.56 35.20 22.66
N GLY E 207 -11.31 34.41 23.69
CA GLY E 207 -12.34 34.02 24.64
C GLY E 207 -12.09 32.63 25.15
N SER E 208 -13.05 32.13 25.93
CA SER E 208 -12.97 30.78 26.50
C SER E 208 -14.36 30.34 26.94
N GLY E 209 -14.81 29.20 26.40
CA GLY E 209 -16.00 28.53 26.89
C GLY E 209 -17.33 29.13 26.49
N THR E 210 -17.68 30.27 27.09
CA THR E 210 -18.98 30.89 26.85
C THR E 210 -18.94 32.37 26.53
N ALA E 211 -17.81 33.05 26.74
CA ALA E 211 -17.68 34.48 26.46
C ALA E 211 -16.58 34.67 25.42
N PHE E 212 -16.86 35.48 24.40
CA PHE E 212 -15.95 35.66 23.27
C PHE E 212 -15.87 37.14 22.92
N THR E 213 -14.71 37.55 22.41
CA THR E 213 -14.45 38.94 22.03
C THR E 213 -13.76 38.99 20.67
N LEU E 214 -14.14 39.99 19.88
CA LEU E 214 -13.47 40.32 18.62
C LEU E 214 -12.84 41.70 18.75
N THR E 215 -11.61 41.84 18.26
CA THR E 215 -10.81 43.03 18.46
C THR E 215 -10.40 43.65 17.13
N ILE E 216 -10.67 44.94 16.97
CA ILE E 216 -10.15 45.74 15.85
C ILE E 216 -9.24 46.80 16.44
N SER E 217 -8.05 46.95 15.86
CA SER E 217 -7.04 47.82 16.44
C SER E 217 -7.04 49.23 15.84
N ARG E 218 -6.79 49.34 14.54
CA ARG E 218 -6.74 50.63 13.85
C ARG E 218 -7.72 50.57 12.68
N LEU E 219 -8.85 51.25 12.82
CA LEU E 219 -9.90 51.18 11.83
C LEU E 219 -9.55 51.99 10.59
N GLU E 220 -9.73 51.37 9.43
CA GLU E 220 -9.77 52.08 8.17
C GLU E 220 -11.22 52.49 7.90
N ALA E 221 -11.48 53.06 6.73
CA ALA E 221 -12.85 53.41 6.38
C ALA E 221 -13.67 52.20 5.91
N GLU E 222 -13.02 51.06 5.68
CA GLU E 222 -13.75 49.87 5.23
C GLU E 222 -14.38 49.11 6.37
N ASP E 223 -13.94 49.35 7.62
CA ASP E 223 -14.43 48.60 8.77
C ASP E 223 -15.71 49.22 9.34
N VAL E 224 -16.73 49.32 8.48
CA VAL E 224 -18.02 49.91 8.83
C VAL E 224 -19.10 48.95 8.35
N GLY E 225 -19.93 48.50 9.27
CA GLY E 225 -21.01 47.59 8.94
C GLY E 225 -21.44 46.81 10.16
N VAL E 226 -22.12 45.69 9.91
CA VAL E 226 -22.69 44.84 10.95
C VAL E 226 -21.79 43.63 11.14
N TYR E 227 -21.61 43.22 12.39
CA TYR E 227 -20.79 42.07 12.74
C TYR E 227 -21.67 40.99 13.35
N TYR E 228 -21.49 39.75 12.91
CA TYR E 228 -22.29 38.62 13.36
C TYR E 228 -21.39 37.56 13.99
N CYS E 229 -21.97 36.78 14.90
CA CYS E 229 -21.30 35.61 15.46
C CYS E 229 -22.14 34.38 15.19
N MET E 230 -21.48 33.27 14.88
CA MET E 230 -22.15 32.02 14.55
C MET E 230 -21.51 30.89 15.33
N GLN E 231 -22.30 29.85 15.59
CA GLN E 231 -21.80 28.62 16.21
C GLN E 231 -21.95 27.47 15.21
N HIS E 232 -21.01 26.53 15.28
CA HIS E 232 -21.02 25.36 14.42
C HIS E 232 -20.73 24.11 15.23
N LEU E 233 -21.29 24.02 16.43
CA LEU E 233 -21.10 22.86 17.29
C LEU E 233 -22.08 21.74 16.95
N GLU E 234 -23.34 22.08 16.69
CA GLU E 234 -24.34 21.09 16.30
C GLU E 234 -25.39 21.76 15.44
N TYR E 235 -26.16 20.95 14.75
CA TYR E 235 -27.23 21.46 13.93
C TYR E 235 -28.50 21.64 14.74
N PRO E 236 -29.32 22.68 14.48
CA PRO E 236 -29.18 23.74 13.48
C PRO E 236 -28.17 24.83 13.85
N LEU E 237 -27.72 25.58 12.85
CA LEU E 237 -26.76 26.65 13.05
C LEU E 237 -27.50 27.94 13.36
N THR E 238 -27.11 28.60 14.45
CA THR E 238 -27.80 29.80 14.93
C THR E 238 -26.84 30.98 14.93
N PHE E 239 -27.26 32.08 14.33
CA PHE E 239 -26.47 33.29 14.25
C PHE E 239 -26.73 34.19 15.46
N GLY E 240 -26.02 35.32 15.50
CA GLY E 240 -26.30 36.36 16.45
C GLY E 240 -27.25 37.41 15.86
N ALA E 241 -27.60 38.38 16.70
CA ALA E 241 -28.49 39.43 16.25
C ALA E 241 -27.78 40.47 15.39
N GLY E 242 -26.52 40.74 15.67
CA GLY E 242 -25.75 41.68 14.88
C GLY E 242 -25.39 42.92 15.69
N THR E 243 -24.21 43.46 15.44
CA THR E 243 -23.74 44.68 16.08
C THR E 243 -23.30 45.65 15.01
N LYS E 244 -23.96 46.80 14.95
CA LYS E 244 -23.69 47.81 13.93
C LYS E 244 -22.64 48.78 14.43
N LEU E 245 -21.59 48.97 13.63
CA LEU E 245 -20.61 50.02 13.86
C LEU E 245 -20.89 51.19 12.94
N GLU E 246 -20.68 52.41 13.46
CA GLU E 246 -20.97 53.61 12.71
C GLU E 246 -19.98 54.70 13.12
N LEU E 247 -19.72 55.62 12.21
CA LEU E 247 -18.78 56.72 12.42
C LEU E 247 -19.24 57.68 13.50
C ACE F 1 -33.39 -48.00 19.76
O ACE F 1 -33.56 -49.00 20.38
CH3 ACE F 1 -32.40 -46.99 20.34
N ARG F 2 -34.16 -47.83 18.52
CA ARG F 2 -34.19 -46.75 17.53
C ARG F 2 -32.81 -46.45 16.92
N CYS F 3 -32.58 -45.20 16.25
CA CYS F 3 -31.27 -44.93 15.68
C CYS F 3 -30.45 -44.18 16.73
N DAL F 4 -29.50 -44.94 17.53
CA DAL F 4 -28.64 -44.39 18.57
CB DAL F 4 -29.46 -43.94 19.79
C DAL F 4 -27.82 -43.22 18.04
O DAL F 4 -28.02 -42.12 18.42
N HIS F 5 -26.77 -43.47 17.06
CA HIS F 5 -25.98 -42.37 16.55
C HIS F 5 -26.46 -42.05 15.14
N DPN F 6 -26.42 -40.67 14.65
CA DPN F 6 -26.86 -40.35 13.30
C DPN F 6 -28.36 -40.57 13.12
O DPN F 6 -29.11 -40.39 14.01
CB DPN F 6 -26.51 -38.89 12.99
CG DPN F 6 -26.84 -38.49 11.55
CD1 DPN F 6 -26.02 -38.92 10.52
CD2 DPN F 6 -27.95 -37.71 11.27
CE1 DPN F 6 -26.32 -38.56 9.21
CE2 DPN F 6 -28.25 -37.35 9.97
CZ DPN F 6 -27.43 -37.79 8.94
N ARG F 7 -28.83 -41.01 11.81
CA ARG F 7 -30.23 -41.26 11.51
C ARG F 7 -30.26 -42.20 10.31
N TRP F 8 -31.53 -42.74 9.82
CA TRP F 8 -31.69 -43.65 8.68
C TRP F 8 -30.84 -44.91 8.85
N CY3 F 9 -30.52 -45.41 10.17
CA CY3 F 9 -29.71 -46.61 10.33
C CY3 F 9 -30.56 -47.86 10.18
O CY3 F 9 -31.40 -47.93 9.33
CB CY3 F 9 -29.10 -46.61 11.73
SG CY3 F 9 -30.40 -46.79 12.98
N1 CY3 F 9 -30.35 -48.98 11.07
CA CA G . -29.84 -38.83 16.03
#